data_8TCI
#
_entry.id   8TCI
#
_cell.length_a   63.088
_cell.length_b   189.509
_cell.length_c   62.864
_cell.angle_alpha   90.00
_cell.angle_beta   90.07
_cell.angle_gamma   90.00
#
_symmetry.space_group_name_H-M   'P 1 21 1'
#
loop_
_entity.id
_entity.type
_entity.pdbx_description
1 polymer 'DNA (cytosine-5)-methyltransferase 3C'
2 polymer 'DNA (cytosine-5)-methyltransferase 3-like'
3 polymer "(5'-D(P*CP*AP*TP*G)-R(P*(PYO))-D(P*GP*GP*TP*CP*TP*AP*AP*TP*TP*AP*GP*AP*CP*CP*GP*CP*AP*TP*G)-3')"
4 non-polymer S-ADENOSYL-L-HOMOCYSTEINE
#
loop_
_entity_poly.entity_id
_entity_poly.type
_entity_poly.pdbx_seq_one_letter_code
_entity_poly.pdbx_strand_id
1 'polypeptide(L)'
;SKRRPIRVLSLFDGIATGYLVLKELGIKVEKYIASEVCAESIAVGTVKHEGQIKYVDDIRNITKEHIDEWGPFDLVIGGS
PCNDLSCVNPVRKGLFEGTGRLFFEFYRLLNYSCPEEEDDRPFFWMFENVVAMEVGDKRDISRFLECNPVMIDAIKVSAA
HRARYFWGNLPGMNRPVMASKNDKLELQDCLEFSRTAKLKKVQTITTKSNSIRQGKNQLFPVVMNGKDDVLWCTELERIF
GFPEHYTDVSNMGRGARQKLLGRSWSVPVIRHLFAPLKDHFACE
;
A,D
2 'polypeptide(L)'
;TVPVWRRQPVRVLSLFEDIKKELTSLGFLESGSDPGQLKHVVDVTDTVRKDVEEWGPFDLVYGATPPLGHTCDRPPSWYL
FQFHRLLQYARPKPGSPRPFFWMFVDNLVLNKEDLDVASRFLEMEPVTIPDVHGGSLQNAVRVWSNIPAIRSRHWALVSE
EELSLLAQNKQSSKLAAKWPTKLVKNCFLPLREYFKYFS
;
B,C
3 'polydeoxyribonucleotide'
;(DC)(DA)(DT)(DG)(PYO)(DG)(DG)(DT)(DC)(DT)(DA)(DA)(DT)(DT)(DA)(DG)(DA)(DC)(DC)
(DG)(DC)(DA)(DT)(DG)
;
E,F
#
# COMPACT_ATOMS: atom_id res chain seq x y z
N LYS A 2 14.70 40.81 -14.96
CA LYS A 2 15.18 40.83 -13.59
C LYS A 2 15.62 39.43 -13.15
N ARG A 3 14.84 38.84 -12.24
CA ARG A 3 15.15 37.51 -11.71
C ARG A 3 14.72 36.43 -12.69
N ARG A 4 15.51 35.36 -12.76
CA ARG A 4 15.31 34.27 -13.70
C ARG A 4 14.92 32.99 -12.98
N PRO A 5 14.27 32.06 -13.68
CA PRO A 5 13.96 30.76 -13.06
C PRO A 5 15.22 30.00 -12.72
N ILE A 6 15.07 29.04 -11.80
CA ILE A 6 16.20 28.31 -11.25
C ILE A 6 16.41 27.03 -12.04
N ARG A 7 17.68 26.69 -12.26
CA ARG A 7 18.08 25.46 -12.96
C ARG A 7 18.75 24.53 -11.96
N VAL A 8 18.14 23.36 -11.75
CA VAL A 8 18.56 22.44 -10.69
C VAL A 8 19.14 21.18 -11.29
N LEU A 9 20.10 20.61 -10.57
CA LEU A 9 20.70 19.30 -10.87
C LEU A 9 20.62 18.50 -9.58
N SER A 10 19.77 17.48 -9.56
CA SER A 10 19.44 16.74 -8.37
C SER A 10 20.11 15.38 -8.41
N LEU A 11 20.76 15.03 -7.29
CA LEU A 11 21.66 13.90 -7.22
C LEU A 11 21.15 12.90 -6.20
N PHE A 12 20.91 11.66 -6.63
CA PHE A 12 20.29 10.67 -5.77
C PHE A 12 18.95 11.21 -5.26
N ASP A 13 18.09 11.54 -6.22
CA ASP A 13 16.93 12.39 -5.96
C ASP A 13 15.88 11.65 -5.14
N GLY A 14 15.70 10.36 -5.39
CA GLY A 14 14.67 9.61 -4.69
C GLY A 14 13.27 10.10 -5.03
N ILE A 15 12.55 10.61 -4.05
CA ILE A 15 11.17 11.02 -4.23
C ILE A 15 11.06 12.53 -4.52
N ALA A 16 12.13 13.14 -5.03
CA ALA A 16 12.09 14.51 -5.56
C ALA A 16 11.65 15.52 -4.50
N THR A 17 12.19 15.39 -3.29
CA THR A 17 11.86 16.35 -2.23
C THR A 17 12.28 17.76 -2.61
N GLY A 18 13.39 17.90 -3.35
CA GLY A 18 13.89 19.20 -3.77
C GLY A 18 12.88 19.98 -4.60
N TYR A 19 12.45 19.40 -5.71
CA TYR A 19 11.45 20.04 -6.56
C TYR A 19 10.20 20.39 -5.76
N LEU A 20 9.78 19.51 -4.86
CA LEU A 20 8.60 19.76 -4.05
C LEU A 20 8.79 21.00 -3.17
N VAL A 21 9.96 21.14 -2.57
CA VAL A 21 10.22 22.31 -1.71
C VAL A 21 10.28 23.57 -2.55
N LEU A 22 10.99 23.53 -3.68
CA LEU A 22 11.09 24.68 -4.55
C LEU A 22 9.70 25.11 -5.04
N LYS A 23 8.82 24.14 -5.29
CA LYS A 23 7.47 24.46 -5.74
C LYS A 23 6.63 25.05 -4.62
N GLU A 24 6.64 24.42 -3.44
CA GLU A 24 5.93 24.96 -2.29
C GLU A 24 6.46 26.32 -1.88
N LEU A 25 7.64 26.69 -2.34
CA LEU A 25 8.24 27.97 -2.00
C LEU A 25 7.93 29.08 -3.01
N GLY A 26 7.35 28.74 -4.16
CA GLY A 26 7.06 29.71 -5.18
C GLY A 26 8.18 29.95 -6.17
N ILE A 27 9.38 29.42 -5.91
CA ILE A 27 10.48 29.58 -6.84
C ILE A 27 10.14 28.91 -8.17
N LYS A 28 10.25 29.66 -9.26
CA LYS A 28 9.96 29.09 -10.57
C LYS A 28 11.16 28.28 -11.06
N VAL A 29 10.90 27.04 -11.45
CA VAL A 29 11.94 26.11 -11.88
C VAL A 29 11.89 25.99 -13.40
N GLU A 30 13.04 26.14 -14.05
CA GLU A 30 13.18 25.97 -15.48
C GLU A 30 13.65 24.58 -15.87
N LYS A 31 14.60 24.03 -15.13
CA LYS A 31 15.12 22.69 -15.36
C LYS A 31 15.30 21.99 -14.03
N TYR A 32 14.97 20.69 -14.01
CA TYR A 32 15.20 19.86 -12.83
C TYR A 32 15.67 18.49 -13.34
N ILE A 33 16.99 18.34 -13.44
CA ILE A 33 17.60 17.11 -13.93
C ILE A 33 17.96 16.24 -12.72
N ALA A 34 17.37 15.05 -12.66
CA ALA A 34 17.52 14.17 -11.52
C ALA A 34 18.22 12.88 -11.94
N SER A 35 19.02 12.33 -11.02
CA SER A 35 19.69 11.06 -11.20
C SER A 35 19.15 10.09 -10.16
N GLU A 36 18.44 9.06 -10.61
CA GLU A 36 17.82 8.10 -9.71
C GLU A 36 17.69 6.77 -10.46
N VAL A 37 17.74 5.68 -9.69
CA VAL A 37 17.73 4.34 -10.27
C VAL A 37 16.56 3.48 -9.81
N CYS A 38 15.92 3.79 -8.68
CA CYS A 38 14.82 2.97 -8.19
C CYS A 38 13.54 3.38 -8.91
N ALA A 39 12.98 2.45 -9.70
CA ALA A 39 11.82 2.76 -10.53
C ALA A 39 10.64 3.28 -9.71
N GLU A 40 10.52 2.85 -8.45
N GLU A 40 10.52 2.85 -8.45
CA GLU A 40 9.44 3.33 -7.61
CA GLU A 40 9.46 3.32 -7.59
C GLU A 40 9.59 4.83 -7.32
C GLU A 40 9.59 4.82 -7.33
N SER A 41 10.81 5.27 -7.01
CA SER A 41 11.04 6.69 -6.76
C SER A 41 10.84 7.51 -8.03
N ILE A 42 11.28 6.97 -9.17
CA ILE A 42 11.08 7.66 -10.45
C ILE A 42 9.59 7.80 -10.73
N ALA A 43 8.81 6.76 -10.41
CA ALA A 43 7.36 6.84 -10.59
C ALA A 43 6.75 7.89 -9.66
N VAL A 44 7.18 7.91 -8.39
CA VAL A 44 6.74 8.96 -7.47
C VAL A 44 6.96 10.34 -8.09
N GLY A 45 8.19 10.60 -8.53
CA GLY A 45 8.51 11.91 -9.07
C GLY A 45 7.77 12.24 -10.35
N THR A 46 7.61 11.25 -11.23
CA THR A 46 6.97 11.50 -12.51
C THR A 46 5.47 11.73 -12.36
N VAL A 47 4.84 11.09 -11.37
CA VAL A 47 3.41 11.25 -11.20
C VAL A 47 3.10 12.50 -10.38
N LYS A 48 3.71 12.62 -9.20
CA LYS A 48 3.36 13.71 -8.30
C LYS A 48 3.80 15.08 -8.79
N HIS A 49 4.60 15.14 -9.85
CA HIS A 49 5.00 16.42 -10.44
C HIS A 49 4.68 16.49 -11.93
N GLU A 50 3.87 15.56 -12.44
CA GLU A 50 3.34 15.60 -13.80
C GLU A 50 4.45 15.69 -14.84
N GLY A 51 5.48 14.85 -14.68
CA GLY A 51 6.50 14.72 -15.70
C GLY A 51 7.24 16.00 -16.02
N GLN A 52 7.46 16.86 -15.03
CA GLN A 52 8.26 18.07 -15.21
C GLN A 52 9.73 17.84 -14.90
N ILE A 53 10.10 16.65 -14.44
CA ILE A 53 11.46 16.33 -14.05
C ILE A 53 12.10 15.47 -15.12
N LYS A 54 13.34 15.80 -15.48
CA LYS A 54 14.11 15.04 -16.45
C LYS A 54 15.06 14.11 -15.70
N TYR A 55 14.97 12.81 -15.99
CA TYR A 55 15.77 11.80 -15.32
C TYR A 55 16.93 11.37 -16.21
N VAL A 56 18.10 11.18 -15.59
CA VAL A 56 19.35 10.95 -16.29
C VAL A 56 19.99 9.62 -15.94
N ASP A 57 19.35 8.81 -15.09
CA ASP A 57 19.80 7.47 -14.71
C ASP A 57 21.07 7.50 -13.87
N ASP A 58 21.90 6.45 -14.00
CA ASP A 58 22.99 6.21 -13.07
C ASP A 58 23.97 7.37 -13.04
N ILE A 59 24.45 7.68 -11.84
CA ILE A 59 25.35 8.80 -11.66
C ILE A 59 26.72 8.52 -12.28
N ARG A 60 27.12 7.26 -12.34
CA ARG A 60 28.44 6.87 -12.83
C ARG A 60 28.52 6.83 -14.34
N ASN A 61 27.44 7.18 -15.05
CA ASN A 61 27.45 7.22 -16.51
C ASN A 61 27.28 8.62 -17.07
N ILE A 62 27.28 9.64 -16.21
CA ILE A 62 27.15 11.03 -16.63
C ILE A 62 28.54 11.64 -16.76
N THR A 63 28.81 12.30 -17.88
CA THR A 63 30.13 12.82 -18.20
C THR A 63 30.14 14.34 -18.07
N LYS A 64 31.34 14.91 -18.22
CA LYS A 64 31.45 16.36 -18.26
C LYS A 64 30.75 16.94 -19.48
N GLU A 65 30.76 16.21 -20.60
CA GLU A 65 30.00 16.64 -21.77
C GLU A 65 28.51 16.73 -21.44
N HIS A 66 28.00 15.78 -20.67
CA HIS A 66 26.60 15.84 -20.24
C HIS A 66 26.34 17.05 -19.36
N ILE A 67 27.27 17.39 -18.48
CA ILE A 67 27.07 18.53 -17.60
C ILE A 67 27.10 19.83 -18.39
N ASP A 68 28.00 19.93 -19.36
CA ASP A 68 28.08 21.13 -20.18
C ASP A 68 26.83 21.29 -21.05
N GLU A 69 26.41 20.22 -21.71
CA GLU A 69 25.26 20.30 -22.60
C GLU A 69 23.96 20.53 -21.82
N TRP A 70 23.67 19.63 -20.88
CA TRP A 70 22.49 19.80 -20.03
C TRP A 70 22.53 21.11 -19.27
N GLY A 71 23.73 21.59 -18.95
CA GLY A 71 23.89 22.83 -18.22
C GLY A 71 23.48 24.04 -19.04
N PRO A 72 23.70 25.24 -18.47
CA PRO A 72 24.32 25.52 -17.17
C PRO A 72 23.35 25.27 -16.02
N PHE A 73 23.86 25.11 -14.80
CA PHE A 73 23.04 24.83 -13.64
C PHE A 73 23.28 25.86 -12.55
N ASP A 74 22.21 26.20 -11.83
CA ASP A 74 22.28 27.16 -10.73
C ASP A 74 22.32 26.50 -9.37
N LEU A 75 21.68 25.34 -9.22
CA LEU A 75 21.61 24.63 -7.95
C LEU A 75 21.99 23.18 -8.18
N VAL A 76 22.72 22.60 -7.24
CA VAL A 76 23.06 21.18 -7.23
C VAL A 76 22.72 20.61 -5.85
N ILE A 77 21.68 19.75 -5.77
CA ILE A 77 21.34 19.04 -4.53
C ILE A 77 21.89 17.63 -4.58
N GLY A 78 22.18 17.05 -3.42
CA GLY A 78 22.66 15.69 -3.36
C GLY A 78 22.57 15.09 -1.97
N GLY A 79 22.28 13.80 -1.95
CA GLY A 79 22.34 12.98 -0.75
C GLY A 79 22.66 11.53 -1.09
N SER A 80 23.91 11.13 -0.88
CA SER A 80 24.40 9.84 -1.34
C SER A 80 23.90 8.69 -0.47
N PRO A 81 23.94 7.46 -0.97
CA PRO A 81 23.56 6.31 -0.15
C PRO A 81 24.42 6.21 1.11
N CYS A 82 23.76 6.00 2.25
CA CYS A 82 24.41 5.87 3.54
C CYS A 82 24.33 4.45 4.08
N ASN A 83 24.50 3.47 3.18
CA ASN A 83 24.44 2.07 3.61
C ASN A 83 25.76 1.62 4.21
N ASP A 84 26.88 2.01 3.61
CA ASP A 84 28.20 1.68 4.12
C ASP A 84 28.80 2.81 4.97
N LEU A 85 28.01 3.81 5.33
CA LEU A 85 28.49 4.94 6.09
C LEU A 85 27.86 5.06 7.47
N SER A 86 26.57 4.75 7.60
CA SER A 86 25.93 4.82 8.90
C SER A 86 26.46 3.72 9.81
N CYS A 87 26.63 4.05 11.09
CA CYS A 87 27.18 3.13 12.08
C CYS A 87 26.15 2.13 12.59
N VAL A 88 24.98 2.05 11.98
CA VAL A 88 24.02 1.02 12.35
C VAL A 88 24.28 -0.28 11.59
N ASN A 89 24.85 -0.18 10.40
CA ASN A 89 25.23 -1.37 9.63
C ASN A 89 26.60 -1.85 10.11
N PRO A 90 26.74 -3.08 10.60
CA PRO A 90 28.06 -3.55 11.03
C PRO A 90 29.00 -3.85 9.88
N VAL A 91 28.46 -4.23 8.72
CA VAL A 91 29.25 -4.70 7.59
C VAL A 91 29.65 -3.49 6.75
N ARG A 92 29.34 -2.29 7.26
CA ARG A 92 29.61 -1.05 6.55
C ARG A 92 31.04 -1.01 6.05
N LYS A 93 31.21 -0.59 4.80
CA LYS A 93 32.50 -0.61 4.13
C LYS A 93 33.23 0.72 4.15
N GLY A 94 32.52 1.83 4.34
CA GLY A 94 33.15 3.13 4.47
C GLY A 94 32.91 4.00 3.25
N LEU A 95 33.59 5.15 3.24
CA LEU A 95 33.42 6.11 2.16
C LEU A 95 34.16 5.66 0.91
N PHE A 96 35.22 4.87 1.05
CA PHE A 96 36.04 4.47 -0.08
C PHE A 96 35.73 3.05 -0.55
N GLU A 97 34.70 2.41 0.01
CA GLU A 97 34.29 1.08 -0.42
C GLU A 97 32.77 1.01 -0.43
N GLY A 98 32.21 0.51 -1.53
CA GLY A 98 30.78 0.35 -1.63
C GLY A 98 30.01 1.63 -1.86
N THR A 99 28.83 1.73 -1.23
CA THR A 99 27.93 2.85 -1.49
C THR A 99 28.60 4.19 -1.25
N GLY A 100 29.47 4.27 -0.23
CA GLY A 100 30.15 5.51 0.06
C GLY A 100 30.90 6.09 -1.14
N ARG A 101 31.46 5.22 -1.99
CA ARG A 101 32.20 5.69 -3.15
C ARG A 101 31.33 6.57 -4.05
N LEU A 102 30.02 6.34 -4.06
CA LEU A 102 29.12 7.15 -4.89
C LEU A 102 29.20 8.63 -4.53
N PHE A 103 29.58 8.96 -3.30
CA PHE A 103 29.78 10.37 -2.94
C PHE A 103 30.76 11.05 -3.90
N PHE A 104 31.85 10.36 -4.25
CA PHE A 104 32.84 10.94 -5.13
C PHE A 104 32.28 11.22 -6.53
N GLU A 105 31.17 10.58 -6.89
CA GLU A 105 30.49 10.96 -8.12
C GLU A 105 29.89 12.36 -7.98
N PHE A 106 29.16 12.59 -6.88
CA PHE A 106 28.62 13.91 -6.60
C PHE A 106 29.71 14.97 -6.73
N TYR A 107 30.76 14.86 -5.90
CA TYR A 107 31.96 15.66 -6.04
C TYR A 107 32.36 15.85 -7.50
N ARG A 108 32.53 14.75 -8.22
CA ARG A 108 32.98 14.83 -9.61
C ARG A 108 32.11 15.75 -10.44
N LEU A 109 30.79 15.68 -10.24
CA LEU A 109 29.91 16.52 -11.04
C LEU A 109 29.87 17.96 -10.52
N LEU A 110 30.02 18.15 -9.21
CA LEU A 110 29.94 19.49 -8.65
C LEU A 110 30.99 20.40 -9.26
N ASN A 111 32.26 20.01 -9.15
CA ASN A 111 33.34 20.76 -9.78
C ASN A 111 33.15 20.87 -11.29
N TYR A 112 32.38 19.99 -11.90
CA TYR A 112 32.04 20.16 -13.31
C TYR A 112 31.07 21.32 -13.50
N SER A 113 29.99 21.34 -12.72
CA SER A 113 28.98 22.37 -12.84
C SER A 113 29.36 23.66 -12.11
N CYS A 114 30.45 23.67 -11.39
CA CYS A 114 30.87 24.86 -10.68
C CYS A 114 31.35 25.92 -11.67
N PRO A 115 30.91 27.16 -11.54
CA PRO A 115 31.39 28.22 -12.46
C PRO A 115 32.88 28.43 -12.33
N GLU A 116 33.47 28.95 -13.41
CA GLU A 116 34.90 29.19 -13.42
C GLU A 116 35.24 30.44 -12.61
N GLU A 117 36.54 30.67 -12.45
CA GLU A 117 37.00 31.75 -11.57
C GLU A 117 36.66 33.13 -12.10
N GLU A 118 36.36 33.25 -13.40
CA GLU A 118 35.99 34.54 -13.97
C GLU A 118 34.48 34.77 -13.99
N ASP A 119 33.69 33.69 -13.99
CA ASP A 119 32.24 33.82 -14.01
C ASP A 119 31.73 34.08 -12.59
N ASP A 120 31.12 35.25 -12.38
CA ASP A 120 30.55 35.61 -11.09
C ASP A 120 29.05 35.32 -11.03
N ARG A 121 28.59 34.29 -11.74
CA ARG A 121 27.20 33.91 -11.66
C ARG A 121 26.89 33.32 -10.27
N PRO A 122 25.65 33.44 -9.81
CA PRO A 122 25.25 32.74 -8.59
C PRO A 122 25.18 31.24 -8.83
N PHE A 123 25.75 30.47 -7.90
CA PHE A 123 25.73 29.02 -7.99
C PHE A 123 25.67 28.45 -6.58
N PHE A 124 24.72 27.54 -6.35
CA PHE A 124 24.47 26.99 -5.03
C PHE A 124 24.53 25.47 -5.06
N TRP A 125 24.91 24.89 -3.94
CA TRP A 125 25.01 23.44 -3.83
C TRP A 125 24.70 23.02 -2.39
N MET A 126 24.27 21.77 -2.26
CA MET A 126 24.01 21.18 -0.95
C MET A 126 24.21 19.67 -1.02
N PHE A 127 24.88 19.13 -0.01
CA PHE A 127 25.02 17.70 0.18
C PHE A 127 24.54 17.35 1.59
N GLU A 128 23.89 16.19 1.71
CA GLU A 128 23.36 15.75 2.99
C GLU A 128 23.79 14.31 3.26
N ASN A 129 24.06 14.01 4.52
CA ASN A 129 24.24 12.61 4.93
C ASN A 129 23.96 12.49 6.42
N VAL A 130 24.22 11.31 6.97
CA VAL A 130 23.84 11.02 8.34
C VAL A 130 24.88 11.58 9.31
N VAL A 131 24.45 11.81 10.54
CA VAL A 131 25.39 12.14 11.61
C VAL A 131 26.04 10.87 12.15
N ALA A 132 25.30 9.75 12.19
CA ALA A 132 25.79 8.51 12.77
C ALA A 132 26.78 7.80 11.84
N MET A 133 27.81 8.52 11.40
CA MET A 133 28.92 7.92 10.66
C MET A 133 30.20 8.11 11.44
N GLU A 134 31.19 7.29 11.13
CA GLU A 134 32.49 7.43 11.78
C GLU A 134 33.12 8.78 11.41
N VAL A 135 33.88 9.35 12.34
CA VAL A 135 34.40 10.70 12.18
C VAL A 135 35.31 10.80 10.96
N GLY A 136 35.97 9.69 10.60
CA GLY A 136 36.82 9.71 9.42
C GLY A 136 36.05 9.97 8.15
N ASP A 137 34.89 9.33 8.00
CA ASP A 137 34.06 9.57 6.82
C ASP A 137 33.62 11.02 6.75
N LYS A 138 33.21 11.59 7.90
CA LYS A 138 32.79 12.98 7.93
C LYS A 138 33.93 13.92 7.54
N ARG A 139 35.12 13.71 8.12
CA ARG A 139 36.23 14.59 7.82
C ARG A 139 36.66 14.47 6.37
N ASP A 140 36.59 13.26 5.78
CA ASP A 140 36.98 13.10 4.39
C ASP A 140 35.97 13.74 3.45
N ILE A 141 34.67 13.57 3.75
CA ILE A 141 33.64 14.27 2.98
C ILE A 141 33.85 15.77 3.05
N SER A 142 34.17 16.28 4.24
CA SER A 142 34.43 17.71 4.40
C SER A 142 35.64 18.14 3.56
N ARG A 143 36.73 17.36 3.62
CA ARG A 143 37.92 17.69 2.86
C ARG A 143 37.62 17.77 1.37
N PHE A 144 36.93 16.76 0.84
CA PHE A 144 36.62 16.77 -0.59
C PHE A 144 35.67 17.92 -0.96
N LEU A 145 34.70 18.22 -0.10
CA LEU A 145 33.82 19.35 -0.34
C LEU A 145 34.41 20.68 0.09
N GLU A 146 35.57 20.65 0.77
CA GLU A 146 36.22 21.87 1.27
C GLU A 146 35.28 22.70 2.13
N CYS A 147 34.35 22.05 2.83
CA CYS A 147 33.38 22.73 3.66
C CYS A 147 33.10 21.89 4.89
N ASN A 148 32.86 22.56 6.02
CA ASN A 148 32.41 21.87 7.22
C ASN A 148 30.89 21.88 7.29
N PRO A 149 30.28 20.82 7.80
CA PRO A 149 28.83 20.68 7.75
C PRO A 149 28.13 21.45 8.86
N VAL A 150 26.81 21.57 8.70
CA VAL A 150 25.92 22.06 9.74
C VAL A 150 24.96 20.92 10.08
N MET A 151 24.82 20.62 11.37
CA MET A 151 23.98 19.53 11.83
C MET A 151 22.60 20.05 12.16
N ILE A 152 21.58 19.44 11.56
CA ILE A 152 20.19 19.83 11.80
C ILE A 152 19.39 18.60 12.19
N ASP A 153 18.64 18.70 13.28
CA ASP A 153 17.69 17.68 13.71
C ASP A 153 16.29 18.16 13.35
N ALA A 154 15.50 17.27 12.74
CA ALA A 154 14.15 17.63 12.34
C ALA A 154 13.20 17.78 13.52
N ILE A 155 13.63 17.44 14.74
CA ILE A 155 12.74 17.47 15.89
C ILE A 155 12.26 18.88 16.22
N LYS A 156 12.97 19.90 15.72
CA LYS A 156 12.53 21.27 15.93
C LYS A 156 11.34 21.63 15.04
N VAL A 157 11.20 20.94 13.91
CA VAL A 157 10.18 21.28 12.93
C VAL A 157 9.21 20.14 12.64
N SER A 158 9.56 18.90 12.98
CA SER A 158 8.67 17.76 12.80
C SER A 158 8.44 17.07 14.14
N ALA A 159 7.86 15.88 14.10
CA ALA A 159 7.60 15.10 15.29
C ALA A 159 8.59 13.97 15.50
N ALA A 160 9.70 13.98 14.77
CA ALA A 160 10.67 12.88 14.83
C ALA A 160 12.08 13.45 14.87
N HIS A 161 12.98 12.67 15.47
CA HIS A 161 14.41 12.96 15.38
C HIS A 161 14.92 12.68 13.98
N ARG A 162 15.87 13.49 13.53
CA ARG A 162 16.59 13.23 12.29
C ARG A 162 17.84 14.09 12.21
N ALA A 163 18.85 13.75 12.99
CA ALA A 163 20.12 14.48 12.99
C ALA A 163 20.88 14.18 11.71
N ARG A 164 20.99 15.17 10.83
CA ARG A 164 21.68 15.00 9.56
C ARG A 164 22.66 16.15 9.34
N TYR A 165 23.79 15.82 8.72
CA TYR A 165 24.81 16.79 8.35
C TYR A 165 24.54 17.33 6.95
N PHE A 166 24.65 18.65 6.80
CA PHE A 166 24.44 19.34 5.53
C PHE A 166 25.65 20.20 5.22
N TRP A 167 26.35 19.87 4.15
CA TRP A 167 27.37 20.74 3.58
C TRP A 167 26.74 21.58 2.47
N GLY A 168 27.29 22.76 2.25
CA GLY A 168 26.80 23.59 1.16
C GLY A 168 27.20 25.04 1.33
N ASN A 169 26.68 25.87 0.42
CA ASN A 169 26.99 27.29 0.36
C ASN A 169 25.73 28.15 0.37
N LEU A 170 24.56 27.59 0.69
CA LEU A 170 23.32 28.33 0.63
C LEU A 170 23.33 29.46 1.65
N PRO A 171 22.55 30.51 1.42
CA PRO A 171 22.52 31.65 2.35
C PRO A 171 21.95 31.23 3.70
N GLY A 172 22.68 31.56 4.76
CA GLY A 172 22.19 31.32 6.11
C GLY A 172 21.95 29.86 6.45
N MET A 173 22.84 28.97 6.01
CA MET A 173 22.71 27.57 6.38
C MET A 173 22.90 27.36 7.88
N ASN A 174 23.53 28.30 8.56
CA ASN A 174 23.71 28.24 10.00
C ASN A 174 22.80 29.22 10.73
N ARG A 175 21.78 29.74 10.05
CA ARG A 175 20.84 30.63 10.72
C ARG A 175 19.97 29.83 11.68
N PRO A 176 19.48 30.46 12.75
CA PRO A 176 18.64 29.74 13.71
C PRO A 176 17.40 29.16 13.05
N VAL A 177 17.05 27.93 13.44
CA VAL A 177 15.92 27.23 12.85
C VAL A 177 14.69 27.48 13.72
N MET A 178 13.66 28.08 13.12
CA MET A 178 12.42 28.38 13.79
C MET A 178 11.28 27.59 13.14
N ALA A 179 10.26 27.28 13.93
CA ALA A 179 9.15 26.47 13.46
C ALA A 179 8.04 27.35 12.89
N SER A 180 7.35 26.83 11.88
CA SER A 180 6.25 27.51 11.23
C SER A 180 4.92 27.05 11.83
N LYS A 181 3.88 27.86 11.60
CA LYS A 181 2.56 27.55 12.13
C LYS A 181 1.95 26.31 11.49
N ASN A 182 2.38 25.95 10.27
CA ASN A 182 1.87 24.78 9.58
C ASN A 182 2.64 23.51 9.90
N ASP A 183 3.71 23.61 10.69
CA ASP A 183 4.53 22.44 11.00
C ASP A 183 3.86 21.62 12.11
N LYS A 184 3.79 20.30 11.90
CA LYS A 184 3.21 19.38 12.88
C LYS A 184 4.34 18.93 13.80
N LEU A 185 4.39 19.51 15.00
CA LEU A 185 5.52 19.27 15.90
C LEU A 185 5.34 17.99 16.72
N GLU A 186 4.10 17.63 17.05
CA GLU A 186 3.84 16.45 17.87
C GLU A 186 3.26 15.31 17.03
N LEU A 187 3.41 14.09 17.54
CA LEU A 187 2.96 12.91 16.82
C LEU A 187 1.45 12.92 16.63
N GLN A 188 0.72 13.46 17.61
CA GLN A 188 -0.74 13.50 17.52
C GLN A 188 -1.19 14.38 16.35
N ASP A 189 -0.41 15.42 16.03
CA ASP A 189 -0.76 16.29 14.92
C ASP A 189 -0.66 15.57 13.57
N CYS A 190 0.07 14.46 13.51
CA CYS A 190 0.23 13.71 12.28
C CYS A 190 -0.65 12.47 12.20
N LEU A 191 -1.23 12.03 13.31
CA LEU A 191 -1.98 10.79 13.33
C LEU A 191 -3.34 10.97 12.64
N GLU A 192 -4.10 9.89 12.57
CA GLU A 192 -5.40 9.85 11.94
C GLU A 192 -6.51 9.91 12.99
N PHE A 193 -7.75 9.80 12.53
CA PHE A 193 -8.89 9.78 13.44
C PHE A 193 -8.88 8.51 14.28
N SER A 194 -9.29 8.63 15.54
CA SER A 194 -9.42 7.57 16.52
C SER A 194 -8.08 7.05 17.03
N ARG A 195 -6.96 7.57 16.54
CA ARG A 195 -5.65 7.09 16.95
C ARG A 195 -5.03 8.06 17.95
N THR A 196 -4.36 7.51 18.97
CA THR A 196 -3.75 8.31 20.02
C THR A 196 -2.25 8.03 20.06
N ALA A 197 -1.47 9.10 20.23
CA ALA A 197 -0.02 8.98 20.29
C ALA A 197 0.41 8.74 21.73
N LYS A 198 1.06 7.60 21.97
CA LYS A 198 1.65 7.35 23.27
C LYS A 198 2.87 8.25 23.52
N LEU A 199 3.40 8.86 22.47
CA LEU A 199 4.58 9.70 22.56
C LEU A 199 4.27 11.07 21.97
N LYS A 200 5.12 12.05 22.30
CA LYS A 200 5.04 13.38 21.70
C LYS A 200 6.07 13.58 20.60
N LYS A 201 7.21 12.93 20.69
CA LYS A 201 8.22 12.92 19.64
C LYS A 201 8.71 11.49 19.47
N VAL A 202 9.05 11.12 18.22
CA VAL A 202 9.49 9.77 17.91
C VAL A 202 10.94 9.82 17.43
N GLN A 203 11.55 8.64 17.35
CA GLN A 203 12.96 8.51 17.02
C GLN A 203 13.16 8.63 15.51
N THR A 204 14.40 8.39 15.06
CA THR A 204 14.70 8.42 13.64
C THR A 204 14.07 7.23 12.94
N ILE A 205 13.48 7.47 11.78
CA ILE A 205 12.76 6.45 11.02
C ILE A 205 13.68 5.96 9.90
N THR A 206 14.14 4.72 10.02
CA THR A 206 14.94 4.10 8.98
C THR A 206 14.03 3.45 7.94
N THR A 207 14.62 2.70 7.02
CA THR A 207 13.84 1.94 6.04
C THR A 207 13.36 0.61 6.59
N LYS A 208 13.58 0.35 7.88
CA LYS A 208 13.27 -0.93 8.50
C LYS A 208 12.15 -0.75 9.53
N SER A 209 11.56 -1.89 9.90
CA SER A 209 10.43 -1.88 10.82
C SER A 209 10.84 -1.64 12.27
N ASN A 210 12.04 -2.07 12.65
CA ASN A 210 12.48 -1.91 14.04
C ASN A 210 12.54 -0.45 14.45
N SER A 211 12.75 0.45 13.49
CA SER A 211 12.78 1.89 13.80
C SER A 211 11.40 2.40 14.22
N ILE A 212 10.33 1.77 13.74
CA ILE A 212 8.99 2.23 14.07
C ILE A 212 8.57 1.88 15.49
N ARG A 213 9.37 1.05 16.18
CA ARG A 213 9.13 0.72 17.58
C ARG A 213 10.17 1.41 18.44
N GLN A 214 9.73 2.36 19.25
CA GLN A 214 10.61 3.27 19.97
C GLN A 214 11.08 2.65 21.28
N GLY A 215 12.23 3.13 21.75
CA GLY A 215 12.73 2.80 23.07
C GLY A 215 13.63 1.58 23.09
N LYS A 216 14.36 1.45 24.19
CA LYS A 216 15.20 0.27 24.40
C LYS A 216 14.38 -1.00 24.57
N ASN A 217 13.13 -0.88 24.99
CA ASN A 217 12.24 -2.03 25.10
C ASN A 217 11.37 -2.22 23.85
N GLN A 218 11.52 -1.34 22.85
CA GLN A 218 10.75 -1.41 21.61
C GLN A 218 9.25 -1.34 21.88
N LEU A 219 8.74 -0.15 22.17
CA LEU A 219 7.33 0.06 22.44
C LEU A 219 6.62 0.54 21.19
N PHE A 220 5.32 0.25 21.11
CA PHE A 220 4.50 0.73 20.01
C PHE A 220 4.13 2.20 20.23
N PRO A 221 4.03 2.98 19.15
CA PRO A 221 3.78 4.42 19.31
C PRO A 221 2.31 4.79 19.33
N VAL A 222 1.42 3.99 18.75
CA VAL A 222 0.02 4.37 18.63
C VAL A 222 -0.84 3.45 19.47
N VAL A 223 -1.95 4.00 19.98
CA VAL A 223 -3.02 3.24 20.59
C VAL A 223 -4.30 3.55 19.84
N MET A 224 -4.98 2.51 19.37
CA MET A 224 -6.24 2.63 18.66
C MET A 224 -7.20 1.57 19.17
N ASN A 225 -8.38 2.00 19.62
CA ASN A 225 -9.37 1.10 20.21
C ASN A 225 -8.76 0.27 21.33
N GLY A 226 -7.86 0.87 22.09
CA GLY A 226 -7.21 0.21 23.20
C GLY A 226 -6.06 -0.70 22.83
N LYS A 227 -5.82 -0.95 21.55
CA LYS A 227 -4.74 -1.83 21.12
C LYS A 227 -3.52 -1.01 20.71
N ASP A 228 -2.36 -1.67 20.75
CA ASP A 228 -1.10 -1.04 20.38
C ASP A 228 -0.86 -1.24 18.89
N ASP A 229 -0.68 -0.15 18.16
CA ASP A 229 -0.50 -0.20 16.72
C ASP A 229 0.70 0.66 16.31
N VAL A 230 1.33 0.25 15.21
CA VAL A 230 2.45 0.97 14.61
C VAL A 230 1.90 2.10 13.76
N LEU A 231 2.80 2.93 13.22
CA LEU A 231 2.40 4.06 12.40
C LEU A 231 1.93 3.61 11.02
N TRP A 232 1.01 4.37 10.45
CA TRP A 232 0.55 4.13 9.08
C TRP A 232 1.40 4.93 8.10
N CYS A 233 1.31 4.56 6.82
CA CYS A 233 2.10 5.21 5.79
C CYS A 233 1.78 6.70 5.70
N THR A 234 0.49 7.04 5.71
CA THR A 234 0.08 8.44 5.63
C THR A 234 0.65 9.24 6.80
N GLU A 235 0.71 8.63 7.98
CA GLU A 235 1.26 9.33 9.14
C GLU A 235 2.78 9.50 9.03
N LEU A 236 3.46 8.53 8.42
CA LEU A 236 4.88 8.72 8.11
C LEU A 236 5.08 9.90 7.17
N GLU A 237 4.25 9.98 6.13
CA GLU A 237 4.34 11.10 5.19
C GLU A 237 4.08 12.42 5.90
N ARG A 238 3.14 12.44 6.84
CA ARG A 238 2.85 13.66 7.58
C ARG A 238 4.01 14.03 8.50
N ILE A 239 4.66 13.03 9.11
CA ILE A 239 5.80 13.30 9.98
C ILE A 239 6.95 13.89 9.18
N PHE A 240 7.30 13.26 8.06
CA PHE A 240 8.40 13.76 7.23
C PHE A 240 8.09 15.11 6.60
N GLY A 241 6.83 15.51 6.56
CA GLY A 241 6.43 16.77 5.96
C GLY A 241 5.93 16.66 4.53
N PHE A 242 5.95 15.47 3.94
CA PHE A 242 5.42 15.29 2.60
C PHE A 242 3.92 15.45 2.59
N PRO A 243 3.34 15.82 1.44
CA PRO A 243 1.88 15.85 1.33
C PRO A 243 1.29 14.47 1.55
N GLU A 244 0.01 14.45 1.93
CA GLU A 244 -0.66 13.19 2.19
C GLU A 244 -0.83 12.39 0.90
N HIS A 245 -0.60 11.08 0.99
CA HIS A 245 -0.69 10.17 -0.16
C HIS A 245 0.29 10.56 -1.26
N TYR A 246 1.44 11.12 -0.86
CA TYR A 246 2.47 11.49 -1.83
C TYR A 246 3.20 10.26 -2.37
N THR A 247 3.24 9.19 -1.58
CA THR A 247 3.95 7.96 -1.95
C THR A 247 3.00 6.87 -2.43
N ASP A 248 1.74 7.20 -2.69
CA ASP A 248 0.73 6.19 -3.04
C ASP A 248 0.72 5.98 -4.56
N VAL A 249 1.79 5.31 -5.04
CA VAL A 249 1.97 5.02 -6.45
C VAL A 249 2.55 3.61 -6.59
N SER A 250 2.47 3.10 -7.83
CA SER A 250 3.19 1.90 -8.26
C SER A 250 2.86 0.69 -7.39
N ASN A 251 1.63 0.64 -6.88
CA ASN A 251 1.12 -0.50 -6.11
C ASN A 251 2.10 -0.91 -5.01
N MET A 252 2.60 0.10 -4.28
CA MET A 252 3.58 -0.15 -3.24
C MET A 252 2.90 -0.44 -1.90
N GLY A 253 3.40 -1.45 -1.21
CA GLY A 253 2.98 -1.75 0.14
C GLY A 253 3.74 -0.94 1.16
N ARG A 254 3.53 -1.25 2.44
CA ARG A 254 4.16 -0.49 3.50
C ARG A 254 5.67 -0.63 3.47
N GLY A 255 6.19 -1.76 2.99
CA GLY A 255 7.61 -1.97 2.93
C GLY A 255 8.32 -0.97 2.04
N ALA A 256 7.93 -0.93 0.76
CA ALA A 256 8.56 -0.03 -0.18
C ALA A 256 8.33 1.43 0.20
N ARG A 257 7.16 1.75 0.77
CA ARG A 257 6.87 3.13 1.12
C ARG A 257 7.72 3.60 2.29
N GLN A 258 7.79 2.78 3.35
CA GLN A 258 8.67 3.13 4.46
C GLN A 258 10.13 3.15 4.02
N LYS A 259 10.50 2.30 3.07
CA LYS A 259 11.87 2.34 2.55
C LYS A 259 12.14 3.67 1.85
N LEU A 260 11.28 4.06 0.92
CA LEU A 260 11.49 5.30 0.19
C LEU A 260 11.48 6.51 1.12
N LEU A 261 10.63 6.48 2.15
CA LEU A 261 10.57 7.61 3.07
C LEU A 261 11.75 7.62 4.04
N GLY A 262 12.31 6.45 4.36
CA GLY A 262 13.40 6.40 5.31
C GLY A 262 14.72 6.93 4.76
N ARG A 263 14.90 6.83 3.45
CA ARG A 263 16.10 7.36 2.80
C ARG A 263 15.97 8.84 2.46
N SER A 264 14.81 9.44 2.69
CA SER A 264 14.51 10.77 2.19
C SER A 264 14.90 11.83 3.22
N TRP A 265 14.49 13.06 2.96
CA TRP A 265 14.76 14.22 3.80
C TRP A 265 13.49 14.62 4.55
N SER A 266 13.65 15.55 5.48
CA SER A 266 12.52 16.18 6.14
C SER A 266 12.11 17.42 5.35
N VAL A 267 10.83 17.48 4.97
CA VAL A 267 10.35 18.60 4.16
C VAL A 267 10.55 19.94 4.85
N PRO A 268 10.23 20.12 6.14
CA PRO A 268 10.46 21.45 6.75
C PRO A 268 11.92 21.85 6.81
N VAL A 269 12.84 20.91 7.03
CA VAL A 269 14.25 21.25 7.09
C VAL A 269 14.74 21.75 5.74
N ILE A 270 14.37 21.05 4.66
CA ILE A 270 14.83 21.46 3.34
C ILE A 270 14.11 22.72 2.91
N ARG A 271 12.86 22.92 3.37
CA ARG A 271 12.20 24.20 3.16
C ARG A 271 12.99 25.34 3.79
N HIS A 272 13.43 25.13 5.04
CA HIS A 272 14.27 26.11 5.71
C HIS A 272 15.54 26.39 4.90
N LEU A 273 16.23 25.33 4.49
CA LEU A 273 17.52 25.52 3.81
C LEU A 273 17.35 26.13 2.42
N PHE A 274 16.21 25.91 1.76
CA PHE A 274 15.97 26.47 0.45
C PHE A 274 15.33 27.86 0.49
N ALA A 275 14.77 28.26 1.63
CA ALA A 275 14.04 29.52 1.73
C ALA A 275 14.78 30.73 1.18
N PRO A 276 16.06 30.97 1.48
CA PRO A 276 16.71 32.19 0.98
C PRO A 276 16.79 32.27 -0.54
N LEU A 277 16.64 31.15 -1.25
CA LEU A 277 16.73 31.16 -2.70
C LEU A 277 15.62 31.97 -3.35
N LYS A 278 14.55 32.28 -2.62
CA LYS A 278 13.46 33.09 -3.16
C LYS A 278 13.90 34.52 -3.45
N ASP A 279 15.02 34.97 -2.88
CA ASP A 279 15.52 36.32 -3.12
C ASP A 279 16.44 36.40 -4.32
N HIS A 280 17.00 35.28 -4.76
CA HIS A 280 17.89 35.27 -5.92
C HIS A 280 17.19 34.91 -7.22
N PHE A 281 16.12 34.10 -7.15
CA PHE A 281 15.48 33.58 -8.34
C PHE A 281 14.03 34.05 -8.41
N ALA A 282 13.43 33.85 -9.59
CA ALA A 282 12.07 34.33 -9.84
C ALA A 282 11.06 33.52 -9.04
N CYS A 283 10.01 34.20 -8.58
CA CYS A 283 8.96 33.59 -7.79
C CYS A 283 7.66 33.60 -8.57
N GLU A 284 6.94 32.47 -8.53
CA GLU A 284 5.64 32.34 -9.18
C GLU A 284 4.63 33.29 -8.55
N THR B 1 57.84 26.69 -28.13
CA THR B 1 58.41 25.94 -27.01
C THR B 1 59.47 26.78 -26.30
N VAL B 2 59.94 26.29 -25.15
CA VAL B 2 60.87 27.06 -24.33
C VAL B 2 62.30 26.76 -24.77
N PRO B 3 63.15 27.78 -24.89
CA PRO B 3 64.56 27.54 -25.24
C PRO B 3 65.32 26.94 -24.07
N VAL B 4 66.55 26.49 -24.37
CA VAL B 4 67.32 25.73 -23.39
C VAL B 4 67.75 26.61 -22.22
N TRP B 5 68.15 27.86 -22.50
CA TRP B 5 68.66 28.72 -21.44
C TRP B 5 67.56 29.33 -20.58
N ARG B 6 66.32 29.28 -21.05
CA ARG B 6 65.17 29.78 -20.28
C ARG B 6 64.45 28.67 -19.54
N ARG B 7 64.84 27.42 -19.74
CA ARG B 7 64.24 26.30 -19.03
C ARG B 7 64.55 26.41 -17.54
N GLN B 8 63.53 26.33 -16.72
CA GLN B 8 63.62 26.43 -15.28
C GLN B 8 63.66 25.06 -14.65
N PRO B 9 64.23 24.92 -13.45
CA PRO B 9 64.17 23.64 -12.74
C PRO B 9 62.73 23.32 -12.36
N VAL B 10 62.31 22.09 -12.65
CA VAL B 10 60.92 21.71 -12.47
C VAL B 10 60.59 21.57 -10.99
N ARG B 11 59.37 21.95 -10.62
CA ARG B 11 58.87 21.86 -9.26
C ARG B 11 57.75 20.82 -9.24
N VAL B 12 58.01 19.69 -8.59
CA VAL B 12 57.10 18.54 -8.64
C VAL B 12 56.55 18.26 -7.25
N LEU B 13 55.43 17.53 -7.23
CA LEU B 13 54.75 17.14 -6.00
C LEU B 13 54.49 15.64 -6.07
N SER B 14 55.28 14.86 -5.35
CA SER B 14 55.09 13.41 -5.26
C SER B 14 54.13 13.12 -4.13
N LEU B 15 53.15 12.24 -4.39
CA LEU B 15 52.01 12.10 -3.50
C LEU B 15 51.96 10.80 -2.70
N PHE B 16 52.62 9.73 -3.14
CA PHE B 16 52.58 8.49 -2.39
C PHE B 16 53.93 7.79 -2.44
N GLU B 17 54.53 7.73 -3.63
CA GLU B 17 55.86 7.19 -3.83
C GLU B 17 56.83 8.32 -4.11
N ASP B 18 58.07 8.17 -3.64
CA ASP B 18 59.10 9.19 -3.81
C ASP B 18 59.90 8.90 -5.06
N ILE B 19 59.82 9.80 -6.05
CA ILE B 19 60.57 9.66 -7.30
C ILE B 19 61.82 10.54 -7.30
N LYS B 20 62.24 11.04 -6.15
CA LYS B 20 63.45 11.86 -6.09
C LYS B 20 64.68 11.05 -6.48
N LYS B 21 64.84 9.86 -5.91
CA LYS B 21 65.98 9.02 -6.23
C LYS B 21 65.99 8.59 -7.70
N GLU B 22 64.86 8.71 -8.40
CA GLU B 22 64.76 8.33 -9.80
C GLU B 22 64.79 9.53 -10.74
N LEU B 23 64.18 10.66 -10.35
CA LEU B 23 64.23 11.85 -11.19
C LEU B 23 65.61 12.49 -11.19
N THR B 24 66.33 12.43 -10.07
CA THR B 24 67.71 12.90 -10.04
C THR B 24 68.58 12.14 -11.03
N SER B 25 68.18 10.93 -11.42
CA SER B 25 68.92 10.16 -12.42
C SER B 25 68.63 10.63 -13.84
N LEU B 26 67.55 11.37 -14.04
CA LEU B 26 67.23 11.94 -15.35
C LEU B 26 67.57 13.41 -15.45
N GLY B 27 68.28 13.96 -14.47
CA GLY B 27 68.71 15.35 -14.58
C GLY B 27 67.60 16.37 -14.47
N PHE B 28 66.54 16.08 -13.70
CA PHE B 28 65.54 17.09 -13.40
C PHE B 28 65.73 17.71 -12.03
N LEU B 29 66.48 17.06 -11.14
CA LEU B 29 66.77 17.58 -9.82
C LEU B 29 68.27 17.54 -9.59
N GLU B 30 68.78 18.54 -8.87
CA GLU B 30 70.17 18.53 -8.45
C GLU B 30 70.32 17.68 -7.19
N SER B 31 71.40 16.90 -7.14
CA SER B 31 71.59 15.95 -6.04
C SER B 31 71.56 16.66 -4.69
N GLY B 32 72.14 17.85 -4.61
CA GLY B 32 72.07 18.65 -3.40
C GLY B 32 71.23 19.90 -3.59
N SER B 33 70.08 19.97 -2.93
CA SER B 33 69.18 21.11 -3.07
C SER B 33 68.35 21.22 -1.79
N ASP B 34 68.83 22.04 -0.86
CA ASP B 34 68.02 22.38 0.30
C ASP B 34 66.68 23.01 -0.06
N PRO B 35 66.55 23.81 -1.13
CA PRO B 35 65.20 24.24 -1.55
C PRO B 35 64.25 23.09 -1.79
N GLY B 36 64.74 21.95 -2.25
CA GLY B 36 63.90 20.78 -2.46
C GLY B 36 62.75 21.03 -3.41
N GLN B 37 63.03 21.08 -4.71
CA GLN B 37 62.01 21.35 -5.71
C GLN B 37 60.93 20.27 -5.75
N LEU B 38 61.12 19.16 -5.04
CA LEU B 38 60.12 18.10 -4.92
C LEU B 38 59.51 18.14 -3.53
N LYS B 39 58.18 18.10 -3.46
CA LYS B 39 57.47 18.00 -2.19
C LYS B 39 56.83 16.62 -2.13
N HIS B 40 57.14 15.88 -1.07
CA HIS B 40 56.62 14.54 -0.87
C HIS B 40 55.81 14.49 0.43
N VAL B 41 54.60 13.95 0.34
CA VAL B 41 53.72 13.74 1.48
C VAL B 41 53.01 12.41 1.27
N VAL B 42 52.91 11.61 2.34
CA VAL B 42 52.42 10.25 2.21
C VAL B 42 51.02 10.07 2.80
N ASP B 43 50.65 10.84 3.83
CA ASP B 43 49.33 10.73 4.45
C ASP B 43 48.64 12.07 4.25
N VAL B 44 47.85 12.17 3.16
CA VAL B 44 47.32 13.44 2.69
C VAL B 44 45.92 13.68 3.23
N THR B 45 45.49 12.87 4.21
CA THR B 45 44.12 12.96 4.70
C THR B 45 43.84 14.31 5.35
N ASP B 46 44.86 14.96 5.90
CA ASP B 46 44.70 16.24 6.59
C ASP B 46 45.22 17.42 5.78
N THR B 47 45.24 17.29 4.46
CA THR B 47 45.76 18.34 3.59
C THR B 47 44.62 19.18 3.04
N VAL B 48 44.78 20.50 3.11
CA VAL B 48 43.81 21.46 2.61
C VAL B 48 44.43 22.17 1.40
N ARG B 49 43.56 22.65 0.50
CA ARG B 49 44.02 23.36 -0.69
C ARG B 49 45.04 24.44 -0.34
N LYS B 50 44.84 25.13 0.79
CA LYS B 50 45.78 26.19 1.17
C LYS B 50 47.17 25.62 1.45
N ASP B 51 47.25 24.38 1.94
CA ASP B 51 48.56 23.75 2.12
C ASP B 51 49.27 23.59 0.77
N VAL B 52 48.55 23.10 -0.24
CA VAL B 52 49.14 22.92 -1.56
C VAL B 52 49.55 24.26 -2.17
N GLU B 53 48.71 25.27 -2.00
CA GLU B 53 49.03 26.58 -2.57
C GLU B 53 50.19 27.24 -1.83
N GLU B 54 50.32 26.99 -0.53
CA GLU B 54 51.42 27.57 0.25
C GLU B 54 52.74 26.86 0.01
N TRP B 55 52.70 25.55 -0.27
CA TRP B 55 53.91 24.82 -0.58
C TRP B 55 54.61 25.35 -1.82
N GLY B 56 53.91 26.11 -2.65
CA GLY B 56 54.49 26.69 -3.83
C GLY B 56 53.89 26.13 -5.10
N PRO B 57 54.06 26.85 -6.22
CA PRO B 57 53.56 26.34 -7.50
C PRO B 57 54.26 25.06 -7.90
N PHE B 58 53.50 24.16 -8.52
CA PHE B 58 54.02 22.87 -8.97
C PHE B 58 53.81 22.74 -10.48
N ASP B 59 54.85 22.26 -11.16
CA ASP B 59 54.78 21.99 -12.58
C ASP B 59 54.33 20.57 -12.88
N LEU B 60 54.50 19.65 -11.93
CA LEU B 60 54.15 18.24 -12.12
C LEU B 60 53.60 17.69 -10.82
N VAL B 61 52.60 16.82 -10.93
CA VAL B 61 51.99 16.13 -9.79
C VAL B 61 51.98 14.64 -10.09
N TYR B 62 52.57 13.85 -9.20
CA TYR B 62 52.75 12.43 -9.42
C TYR B 62 52.12 11.63 -8.29
N GLY B 63 51.47 10.53 -8.65
CA GLY B 63 50.88 9.62 -7.67
C GLY B 63 50.98 8.20 -8.16
N ALA B 64 50.91 7.26 -7.21
CA ALA B 64 51.08 5.85 -7.52
C ALA B 64 50.38 5.00 -6.48
N THR B 65 49.69 3.96 -6.94
CA THR B 65 49.13 2.98 -6.02
C THR B 65 50.27 2.18 -5.39
N PRO B 66 50.17 1.84 -4.10
CA PRO B 66 51.24 1.10 -3.45
C PRO B 66 51.49 -0.22 -4.14
N PRO B 67 52.76 -0.62 -4.28
CA PRO B 67 53.07 -1.87 -4.99
C PRO B 67 52.38 -3.06 -4.36
N LEU B 68 52.20 -4.11 -5.17
CA LEU B 68 51.44 -5.28 -4.78
C LEU B 68 51.96 -5.85 -3.46
N GLY B 69 51.06 -5.94 -2.49
CA GLY B 69 51.37 -6.44 -1.17
C GLY B 69 51.72 -5.37 -0.15
N HIS B 70 52.23 -4.24 -0.60
CA HIS B 70 52.68 -3.16 0.29
C HIS B 70 51.53 -2.22 0.66
N THR B 71 50.37 -2.78 0.99
CA THR B 71 49.22 -2.00 1.41
C THR B 71 49.22 -1.83 2.92
N CYS B 72 48.46 -0.82 3.38
CA CYS B 72 48.43 -0.50 4.80
C CYS B 72 47.29 0.45 5.16
N ASP B 73 46.21 -0.09 5.74
CA ASP B 73 45.12 0.71 6.27
C ASP B 73 44.54 1.66 5.23
N ARG B 74 44.48 1.21 3.99
CA ARG B 74 43.94 2.02 2.91
C ARG B 74 43.63 1.16 1.69
N PRO B 75 42.45 1.34 1.07
CA PRO B 75 42.13 0.60 -0.14
C PRO B 75 42.80 1.24 -1.35
N PRO B 76 42.81 0.56 -2.50
CA PRO B 76 43.41 1.18 -3.69
C PRO B 76 42.67 2.42 -4.17
N SER B 77 41.35 2.47 -4.01
CA SER B 77 40.57 3.61 -4.49
C SER B 77 40.93 4.89 -3.74
N TRP B 78 41.36 4.76 -2.49
CA TRP B 78 41.69 5.92 -1.68
C TRP B 78 42.78 6.75 -2.33
N TYR B 79 43.83 6.09 -2.85
CA TYR B 79 44.93 6.80 -3.47
C TYR B 79 44.47 7.57 -4.71
N LEU B 80 43.64 6.94 -5.54
CA LEU B 80 43.13 7.60 -6.74
C LEU B 80 42.30 8.83 -6.38
N PHE B 81 41.38 8.69 -5.42
CA PHE B 81 40.51 9.81 -5.06
C PHE B 81 41.32 10.95 -4.44
N GLN B 82 42.26 10.63 -3.56
CA GLN B 82 43.08 11.67 -2.94
C GLN B 82 43.97 12.35 -3.96
N PHE B 83 44.50 11.58 -4.93
CA PHE B 83 45.28 12.17 -6.00
C PHE B 83 44.45 13.14 -6.82
N HIS B 84 43.21 12.76 -7.13
CA HIS B 84 42.31 13.67 -7.85
C HIS B 84 42.11 14.96 -7.07
N ARG B 85 41.82 14.83 -5.77
CA ARG B 85 41.60 16.01 -4.93
C ARG B 85 42.81 16.94 -4.94
N LEU B 86 44.00 16.40 -4.65
CA LEU B 86 45.18 17.24 -4.58
C LEU B 86 45.57 17.82 -5.94
N LEU B 87 45.35 17.06 -7.02
CA LEU B 87 45.63 17.58 -8.36
C LEU B 87 44.73 18.76 -8.68
N GLN B 88 43.44 18.66 -8.32
CA GLN B 88 42.57 19.83 -8.46
C GLN B 88 43.04 20.98 -7.61
N TYR B 89 43.62 20.69 -6.44
CA TYR B 89 44.16 21.76 -5.60
C TYR B 89 45.36 22.44 -6.25
N ALA B 90 46.17 21.69 -7.01
CA ALA B 90 47.43 22.22 -7.52
C ALA B 90 47.35 22.75 -8.94
N ARG B 91 46.32 22.39 -9.70
CA ARG B 91 46.24 22.80 -11.10
C ARG B 91 46.21 24.32 -11.20
N PRO B 92 47.04 24.92 -12.05
CA PRO B 92 47.12 26.39 -12.10
C PRO B 92 45.84 27.01 -12.63
N LYS B 93 45.72 28.32 -12.37
CA LYS B 93 44.58 29.09 -12.87
C LYS B 93 44.53 29.02 -14.39
N PRO B 94 43.36 28.75 -14.98
CA PRO B 94 43.29 28.69 -16.45
C PRO B 94 43.64 30.01 -17.12
N GLY B 95 43.31 31.14 -16.49
CA GLY B 95 43.64 32.43 -17.06
C GLY B 95 45.11 32.79 -16.99
N SER B 96 45.92 31.97 -16.32
CA SER B 96 47.37 32.12 -16.28
C SER B 96 48.02 30.84 -16.76
N PRO B 97 47.93 30.56 -18.06
CA PRO B 97 48.41 29.26 -18.57
C PRO B 97 49.90 29.08 -18.35
N ARG B 98 50.31 27.83 -18.14
CA ARG B 98 51.69 27.48 -17.91
C ARG B 98 51.84 25.98 -18.17
N PRO B 99 53.05 25.52 -18.50
CA PRO B 99 53.27 24.07 -18.67
C PRO B 99 52.96 23.34 -17.37
N PHE B 100 51.93 22.50 -17.42
CA PHE B 100 51.50 21.73 -16.26
C PHE B 100 51.22 20.30 -16.68
N PHE B 101 51.71 19.35 -15.87
CA PHE B 101 51.57 17.94 -16.16
C PHE B 101 51.23 17.17 -14.89
N TRP B 102 50.72 15.95 -15.07
CA TRP B 102 50.39 15.09 -13.96
C TRP B 102 50.48 13.63 -14.42
N MET B 103 50.59 12.73 -13.45
CA MET B 103 50.71 11.31 -13.76
C MET B 103 50.23 10.48 -12.58
N PHE B 104 49.55 9.38 -12.88
CA PHE B 104 49.10 8.41 -11.88
C PHE B 104 49.34 7.02 -12.44
N VAL B 105 50.09 6.20 -11.70
CA VAL B 105 50.46 4.87 -12.15
C VAL B 105 49.96 3.84 -11.16
N ASP B 106 49.48 2.71 -11.68
CA ASP B 106 48.99 1.60 -10.89
C ASP B 106 49.85 0.37 -11.18
N ASN B 107 50.25 -0.33 -10.12
CA ASN B 107 50.99 -1.58 -10.25
C ASN B 107 50.05 -2.78 -10.12
N LEU B 108 49.00 -2.79 -10.95
CA LEU B 108 48.00 -3.87 -10.95
C LEU B 108 47.39 -4.09 -9.56
N VAL B 109 47.02 -2.99 -8.92
CA VAL B 109 46.39 -3.05 -7.60
C VAL B 109 44.90 -2.77 -7.75
N LEU B 110 44.55 -1.93 -8.72
CA LEU B 110 43.16 -1.63 -9.00
C LEU B 110 42.53 -2.73 -9.85
N ASN B 111 41.30 -3.10 -9.51
CA ASN B 111 40.56 -4.09 -10.29
C ASN B 111 39.74 -3.35 -11.35
N LYS B 112 38.79 -4.06 -11.99
CA LYS B 112 38.12 -3.51 -13.16
C LYS B 112 37.28 -2.30 -12.82
N GLU B 113 36.47 -2.38 -11.75
CA GLU B 113 35.64 -1.24 -11.37
C GLU B 113 36.49 -0.06 -10.92
N ASP B 114 37.59 -0.34 -10.20
CA ASP B 114 38.52 0.73 -9.85
C ASP B 114 39.19 1.29 -11.09
N LEU B 115 39.46 0.43 -12.08
CA LEU B 115 39.99 0.92 -13.36
C LEU B 115 39.00 1.88 -14.01
N ASP B 116 37.71 1.56 -13.97
CA ASP B 116 36.71 2.40 -14.60
C ASP B 116 36.56 3.73 -13.86
N VAL B 117 36.54 3.70 -12.53
CA VAL B 117 36.45 4.97 -11.80
C VAL B 117 37.71 5.79 -12.00
N ALA B 118 38.87 5.14 -12.16
CA ALA B 118 40.10 5.87 -12.45
C ALA B 118 40.03 6.55 -13.81
N SER B 119 39.62 5.79 -14.84
CA SER B 119 39.51 6.38 -16.17
C SER B 119 38.45 7.47 -16.23
N ARG B 120 37.43 7.40 -15.36
CA ARG B 120 36.40 8.44 -15.35
C ARG B 120 36.90 9.70 -14.64
N PHE B 121 37.54 9.55 -13.49
CA PHE B 121 38.00 10.72 -12.74
C PHE B 121 39.22 11.37 -13.38
N LEU B 122 40.02 10.61 -14.12
CA LEU B 122 41.20 11.14 -14.80
C LEU B 122 40.93 11.43 -16.28
N GLU B 123 39.78 11.00 -16.81
CA GLU B 123 39.30 11.40 -18.13
C GLU B 123 40.20 10.88 -19.26
N MET B 124 40.67 9.64 -19.13
CA MET B 124 41.45 9.00 -20.18
C MET B 124 41.64 7.54 -19.83
N GLU B 125 41.95 6.74 -20.86
CA GLU B 125 42.26 5.33 -20.71
C GLU B 125 43.75 5.15 -20.40
N PRO B 126 44.11 4.19 -19.57
CA PRO B 126 45.52 4.00 -19.21
C PRO B 126 46.29 3.27 -20.31
N VAL B 127 47.61 3.43 -20.25
CA VAL B 127 48.54 2.68 -21.11
C VAL B 127 49.23 1.63 -20.24
N THR B 128 49.49 0.47 -20.83
CA THR B 128 50.08 -0.65 -20.12
C THR B 128 51.52 -0.83 -20.58
N ILE B 129 52.46 -0.56 -19.69
CA ILE B 129 53.88 -0.69 -19.97
C ILE B 129 54.34 -2.06 -19.47
N PRO B 130 54.87 -2.93 -20.33
CA PRO B 130 55.30 -4.24 -19.88
C PRO B 130 56.80 -4.35 -19.68
N ASP B 131 57.24 -5.35 -18.92
CA ASP B 131 58.65 -5.67 -18.74
C ASP B 131 58.85 -7.09 -19.27
N VAL B 132 59.17 -7.20 -20.56
CA VAL B 132 59.39 -8.50 -21.18
C VAL B 132 60.86 -8.85 -21.08
N HIS B 133 61.16 -9.99 -20.46
CA HIS B 133 62.50 -10.52 -20.34
C HIS B 133 62.47 -11.99 -20.75
N GLY B 134 63.38 -12.38 -21.63
CA GLY B 134 63.39 -13.76 -22.10
C GLY B 134 62.08 -14.16 -22.76
N GLY B 135 61.44 -13.21 -23.43
CA GLY B 135 60.15 -13.46 -24.06
C GLY B 135 59.01 -13.70 -23.09
N SER B 136 59.17 -13.36 -21.82
CA SER B 136 58.15 -13.54 -20.81
C SER B 136 58.00 -12.26 -20.00
N LEU B 137 56.75 -11.85 -19.78
CA LEU B 137 56.48 -10.66 -18.99
C LEU B 137 56.69 -10.95 -17.51
N GLN B 138 57.40 -10.04 -16.83
CA GLN B 138 57.68 -10.18 -15.40
C GLN B 138 56.95 -9.17 -14.54
N ASN B 139 56.64 -8.00 -15.07
CA ASN B 139 55.91 -6.97 -14.32
C ASN B 139 55.28 -6.01 -15.33
N ALA B 140 54.34 -5.21 -14.85
CA ALA B 140 53.62 -4.30 -15.71
C ALA B 140 52.97 -3.21 -14.87
N VAL B 141 52.74 -2.05 -15.50
CA VAL B 141 52.11 -0.91 -14.85
C VAL B 141 51.06 -0.32 -15.81
N ARG B 142 50.18 0.48 -15.22
CA ARG B 142 49.18 1.23 -15.98
C ARG B 142 49.36 2.71 -15.67
N VAL B 143 49.35 3.56 -16.70
CA VAL B 143 49.70 4.96 -16.54
C VAL B 143 48.59 5.84 -17.11
N TRP B 144 48.10 6.78 -16.31
CA TRP B 144 47.27 7.89 -16.76
C TRP B 144 48.09 9.17 -16.68
N SER B 145 48.16 9.92 -17.78
CA SER B 145 49.00 11.11 -17.80
C SER B 145 48.65 11.97 -18.99
N ASN B 146 49.00 13.26 -18.90
CA ASN B 146 48.78 14.22 -19.98
C ASN B 146 50.07 14.61 -20.67
N ILE B 147 51.13 13.84 -20.48
CA ILE B 147 52.41 14.04 -21.16
C ILE B 147 52.39 13.24 -22.45
N PRO B 148 52.76 13.85 -23.62
CA PRO B 148 52.71 13.16 -24.92
C PRO B 148 53.83 12.12 -25.10
N ALA B 149 53.94 11.22 -24.14
CA ALA B 149 54.94 10.15 -24.18
C ALA B 149 54.61 9.16 -25.29
N ALA B 156 55.28 -3.62 -28.17
CA ALA B 156 54.96 -4.68 -27.22
C ALA B 156 53.51 -4.61 -26.79
N LEU B 157 52.76 -5.67 -27.07
CA LEU B 157 51.34 -5.74 -26.75
C LEU B 157 51.05 -7.09 -26.10
N VAL B 158 50.17 -7.08 -25.10
CA VAL B 158 49.82 -8.29 -24.36
C VAL B 158 48.37 -8.17 -23.89
N SER B 159 47.71 -9.32 -23.75
CA SER B 159 46.29 -9.36 -23.45
C SER B 159 46.04 -9.19 -21.96
N GLU B 160 44.79 -8.87 -21.62
CA GLU B 160 44.41 -8.67 -20.23
C GLU B 160 44.50 -9.97 -19.44
N GLU B 161 44.39 -11.11 -20.12
CA GLU B 161 44.45 -12.40 -19.43
C GLU B 161 45.84 -12.65 -18.86
N GLU B 162 46.88 -12.35 -19.65
CA GLU B 162 48.24 -12.49 -19.15
C GLU B 162 48.48 -11.58 -17.95
N LEU B 163 47.95 -10.34 -18.00
CA LEU B 163 48.12 -9.43 -16.88
C LEU B 163 47.37 -9.93 -15.64
N SER B 164 46.18 -10.49 -15.84
CA SER B 164 45.41 -11.01 -14.70
C SER B 164 46.12 -12.18 -14.04
N LEU B 165 46.64 -13.11 -14.84
CA LEU B 165 47.39 -14.23 -14.27
C LEU B 165 48.70 -13.76 -13.64
N LEU B 166 49.32 -12.73 -14.22
CA LEU B 166 50.53 -12.16 -13.62
C LEU B 166 50.24 -11.59 -12.24
N ALA B 167 49.17 -10.80 -12.13
CA ALA B 167 48.80 -10.23 -10.83
C ALA B 167 48.35 -11.32 -9.86
N GLN B 168 47.73 -12.38 -10.36
CA GLN B 168 47.33 -13.49 -9.50
C GLN B 168 48.55 -14.20 -8.91
N ASN B 169 49.57 -14.44 -9.72
CA ASN B 169 50.75 -15.14 -9.24
C ASN B 169 51.67 -14.24 -8.41
N LYS B 170 51.76 -12.95 -8.74
CA LYS B 170 52.73 -12.08 -8.10
C LYS B 170 52.25 -11.53 -6.76
N GLN B 171 51.21 -12.10 -6.17
CA GLN B 171 50.90 -11.78 -4.77
C GLN B 171 52.00 -12.26 -3.85
N SER B 172 52.72 -13.31 -4.25
CA SER B 172 53.85 -13.83 -3.49
C SER B 172 55.14 -13.25 -4.04
N LYS B 178 60.10 -3.97 -5.53
CA LYS B 178 58.92 -4.44 -6.30
C LYS B 178 58.42 -3.30 -7.19
N TRP B 179 58.79 -2.06 -6.85
CA TRP B 179 58.38 -0.88 -7.66
C TRP B 179 58.97 -1.01 -9.06
N PRO B 180 58.15 -0.99 -10.13
CA PRO B 180 58.66 -1.03 -11.50
C PRO B 180 58.93 0.38 -12.03
N THR B 181 59.73 1.19 -11.32
CA THR B 181 59.94 2.60 -11.72
C THR B 181 60.63 2.67 -13.08
N LYS B 182 61.44 1.66 -13.41
CA LYS B 182 62.23 1.70 -14.66
C LYS B 182 61.27 1.85 -15.84
N LEU B 183 60.13 1.17 -15.82
CA LEU B 183 59.21 1.19 -16.99
C LEU B 183 58.69 2.62 -17.19
N VAL B 184 58.26 3.27 -16.11
CA VAL B 184 57.64 4.62 -16.22
C VAL B 184 58.69 5.69 -16.53
N LYS B 185 59.93 5.49 -16.11
CA LYS B 185 60.96 6.54 -16.26
C LYS B 185 60.89 7.15 -17.67
N ASN B 186 60.85 6.31 -18.70
CA ASN B 186 60.83 6.82 -20.09
C ASN B 186 59.72 7.87 -20.22
N CYS B 187 58.60 7.65 -19.54
CA CYS B 187 57.46 8.59 -19.66
C CYS B 187 57.89 9.95 -19.11
N PHE B 188 58.97 10.02 -18.32
CA PHE B 188 59.36 11.35 -17.89
C PHE B 188 60.25 12.06 -18.90
N LEU B 189 60.82 11.33 -19.86
CA LEU B 189 61.73 11.92 -20.84
C LEU B 189 61.14 13.10 -21.60
N PRO B 190 59.90 13.06 -22.11
CA PRO B 190 59.37 14.22 -22.85
C PRO B 190 59.39 15.52 -22.04
N LEU B 191 59.52 15.46 -20.73
CA LEU B 191 59.56 16.68 -19.92
C LEU B 191 60.88 17.43 -20.05
N ARG B 192 61.88 16.87 -20.73
CA ARG B 192 63.16 17.57 -20.86
C ARG B 192 63.03 18.83 -21.70
N GLU B 193 62.09 18.87 -22.64
CA GLU B 193 62.01 20.01 -23.55
C GLU B 193 61.43 21.24 -22.85
N TYR B 194 60.63 21.04 -21.79
CA TYR B 194 59.99 22.16 -21.11
C TYR B 194 60.74 22.63 -19.88
N PHE B 195 61.56 21.78 -19.26
CA PHE B 195 62.27 22.13 -18.05
C PHE B 195 63.76 21.83 -18.22
N LYS B 196 64.57 22.39 -17.32
CA LYS B 196 66.01 22.39 -17.51
C LYS B 196 66.61 21.02 -17.20
N TYR B 197 67.74 20.74 -17.85
CA TYR B 197 68.37 19.41 -17.83
C TYR B 197 69.70 19.51 -17.09
N PHE B 198 69.76 18.92 -15.90
CA PHE B 198 70.99 18.88 -15.13
C PHE B 198 71.97 17.87 -15.72
N SER B 199 73.25 18.07 -15.43
CA SER B 199 74.28 17.14 -15.90
C SER B 199 74.30 15.88 -15.04
N THR C 1 -59.95 -19.09 26.33
CA THR C 1 -60.76 -20.28 26.07
C THR C 1 -62.09 -19.88 25.44
N VAL C 2 -62.74 -20.82 24.77
CA VAL C 2 -63.97 -20.55 24.03
C VAL C 2 -64.96 -21.67 24.29
N PRO C 3 -66.25 -21.37 24.48
CA PRO C 3 -67.23 -22.43 24.74
C PRO C 3 -67.25 -23.48 23.64
N VAL C 4 -67.68 -24.69 24.03
CA VAL C 4 -67.50 -25.86 23.17
C VAL C 4 -68.40 -25.81 21.93
N TRP C 5 -69.60 -25.25 22.05
CA TRP C 5 -70.50 -25.21 20.90
C TRP C 5 -70.10 -24.13 19.90
N ARG C 6 -69.25 -23.19 20.30
CA ARG C 6 -68.72 -22.17 19.41
C ARG C 6 -67.34 -22.49 18.88
N ARG C 7 -66.79 -23.65 19.26
CA ARG C 7 -65.49 -24.07 18.73
C ARG C 7 -65.66 -24.59 17.31
N GLN C 8 -64.78 -24.14 16.42
CA GLN C 8 -64.84 -24.47 15.01
C GLN C 8 -63.70 -25.43 14.64
N PRO C 9 -63.85 -26.19 13.56
CA PRO C 9 -62.76 -27.06 13.11
C PRO C 9 -61.55 -26.23 12.70
N VAL C 10 -60.36 -26.70 13.10
CA VAL C 10 -59.13 -25.95 12.91
C VAL C 10 -58.66 -26.11 11.46
N ARG C 11 -58.31 -24.98 10.84
CA ARG C 11 -57.72 -24.98 9.50
C ARG C 11 -56.20 -25.01 9.66
N VAL C 12 -55.57 -26.09 9.24
CA VAL C 12 -54.15 -26.30 9.46
C VAL C 12 -53.43 -26.43 8.12
N LEU C 13 -52.17 -26.03 8.11
CA LEU C 13 -51.32 -26.09 6.92
C LEU C 13 -50.07 -26.88 7.27
N SER C 14 -49.99 -28.12 6.80
CA SER C 14 -48.88 -29.01 7.11
C SER C 14 -47.83 -28.90 6.02
N LEU C 15 -46.61 -28.53 6.41
CA LEU C 15 -45.51 -28.36 5.48
C LEU C 15 -44.53 -29.51 5.60
N PHE C 16 -44.01 -29.95 4.45
CA PHE C 16 -42.97 -30.98 4.36
C PHE C 16 -43.50 -32.35 4.75
N GLU C 17 -44.08 -32.47 5.94
CA GLU C 17 -44.72 -33.69 6.39
C GLU C 17 -46.22 -33.47 6.53
N ASP C 18 -46.96 -34.56 6.65
CA ASP C 18 -48.41 -34.52 6.74
C ASP C 18 -48.84 -34.98 8.13
N ILE C 19 -49.56 -34.09 8.84
CA ILE C 19 -50.07 -34.43 10.16
C ILE C 19 -51.44 -35.09 10.11
N LYS C 20 -52.05 -35.18 8.93
CA LYS C 20 -53.22 -36.02 8.76
C LYS C 20 -52.87 -37.47 9.10
N LYS C 21 -53.90 -38.25 9.45
CA LYS C 21 -53.80 -39.59 10.02
C LYS C 21 -53.21 -39.56 11.43
N GLU C 22 -52.93 -38.37 11.96
CA GLU C 22 -52.44 -38.21 13.32
C GLU C 22 -53.32 -37.22 14.05
N LEU C 23 -53.51 -36.03 13.47
CA LEU C 23 -54.46 -35.08 14.04
C LEU C 23 -55.89 -35.56 13.86
N THR C 24 -56.20 -36.18 12.72
CA THR C 24 -57.50 -36.80 12.55
C THR C 24 -57.71 -37.91 13.58
N SER C 25 -56.65 -38.65 13.89
CA SER C 25 -56.70 -39.65 14.95
C SER C 25 -56.78 -39.04 16.34
N LEU C 26 -56.64 -37.71 16.45
CA LEU C 26 -56.83 -37.02 17.71
C LEU C 26 -58.21 -36.38 17.83
N GLY C 27 -58.82 -36.02 16.72
CA GLY C 27 -60.14 -35.43 16.71
C GLY C 27 -60.23 -33.97 16.29
N PHE C 28 -59.26 -33.47 15.53
CA PHE C 28 -59.29 -32.10 15.04
C PHE C 28 -59.86 -31.98 13.64
N LEU C 29 -59.88 -33.08 12.87
CA LEU C 29 -60.44 -33.08 11.52
C LEU C 29 -61.29 -34.34 11.37
N GLU C 30 -62.40 -34.20 10.65
CA GLU C 30 -63.23 -35.36 10.35
C GLU C 30 -62.59 -36.15 9.21
N SER C 31 -62.78 -37.48 9.27
CA SER C 31 -62.11 -38.37 8.33
C SER C 31 -62.74 -38.36 6.94
N GLY C 32 -64.01 -37.95 6.83
CA GLY C 32 -64.73 -38.04 5.58
C GLY C 32 -64.56 -36.86 4.65
N SER C 33 -64.31 -35.67 5.21
CA SER C 33 -64.25 -34.45 4.41
C SER C 33 -63.16 -34.54 3.34
N ASP C 34 -63.59 -34.50 2.08
CA ASP C 34 -62.62 -34.52 0.98
C ASP C 34 -61.73 -33.28 0.95
N PRO C 35 -62.24 -32.05 1.09
CA PRO C 35 -61.32 -30.92 1.25
C PRO C 35 -60.47 -31.03 2.50
N GLY C 36 -61.04 -31.54 3.59
CA GLY C 36 -60.28 -31.85 4.78
C GLY C 36 -59.77 -30.67 5.57
N GLN C 37 -60.06 -29.44 5.14
CA GLN C 37 -59.62 -28.19 5.80
C GLN C 37 -58.12 -28.20 6.13
N LEU C 38 -57.36 -29.08 5.49
CA LEU C 38 -55.92 -29.19 5.69
C LEU C 38 -55.23 -28.96 4.35
N LYS C 39 -54.17 -28.15 4.37
CA LYS C 39 -53.37 -27.88 3.18
C LYS C 39 -52.00 -28.53 3.36
N HIS C 40 -51.54 -29.23 2.33
CA HIS C 40 -50.25 -29.91 2.36
C HIS C 40 -49.53 -29.66 1.06
N VAL C 41 -48.33 -29.07 1.13
CA VAL C 41 -47.48 -28.87 -0.02
C VAL C 41 -46.05 -29.22 0.38
N VAL C 42 -45.41 -30.07 -0.40
CA VAL C 42 -44.09 -30.57 -0.04
C VAL C 42 -42.96 -29.73 -0.63
N ASP C 43 -43.15 -29.20 -1.84
CA ASP C 43 -42.15 -28.37 -2.51
C ASP C 43 -42.66 -26.93 -2.50
N VAL C 44 -42.18 -26.14 -1.54
CA VAL C 44 -42.64 -24.78 -1.35
C VAL C 44 -41.78 -23.76 -2.10
N THR C 45 -40.94 -24.23 -3.03
CA THR C 45 -40.00 -23.34 -3.71
C THR C 45 -40.70 -22.18 -4.42
N ASP C 46 -41.79 -22.47 -5.15
CA ASP C 46 -42.50 -21.44 -5.90
C ASP C 46 -43.86 -21.14 -5.28
N THR C 47 -43.88 -20.78 -4.01
CA THR C 47 -45.11 -20.39 -3.32
C THR C 47 -45.04 -18.91 -2.96
N VAL C 48 -46.06 -18.17 -3.37
CA VAL C 48 -46.13 -16.74 -3.14
C VAL C 48 -47.10 -16.48 -2.00
N ARG C 49 -46.92 -15.33 -1.32
CA ARG C 49 -47.81 -14.95 -0.24
C ARG C 49 -49.27 -15.00 -0.65
N LYS C 50 -49.57 -14.58 -1.88
CA LYS C 50 -50.95 -14.64 -2.36
C LYS C 50 -51.46 -16.07 -2.40
N ASP C 51 -50.59 -17.04 -2.68
CA ASP C 51 -50.99 -18.44 -2.64
C ASP C 51 -51.43 -18.84 -1.23
N VAL C 52 -50.64 -18.48 -0.23
CA VAL C 52 -50.98 -18.82 1.15
C VAL C 52 -52.28 -18.13 1.56
N GLU C 53 -52.44 -16.85 1.20
CA GLU C 53 -53.63 -16.12 1.57
C GLU C 53 -54.87 -16.66 0.86
N GLU C 54 -54.71 -17.16 -0.37
CA GLU C 54 -55.84 -17.74 -1.08
C GLU C 54 -56.19 -19.13 -0.55
N TRP C 55 -55.21 -19.86 -0.02
CA TRP C 55 -55.40 -21.23 0.46
C TRP C 55 -56.27 -21.23 1.72
N GLY C 56 -56.72 -20.04 2.12
CA GLY C 56 -57.62 -19.89 3.24
C GLY C 56 -56.89 -19.45 4.48
N PRO C 57 -57.59 -18.76 5.38
CA PRO C 57 -57.00 -18.43 6.68
C PRO C 57 -56.69 -19.69 7.48
N PHE C 58 -55.52 -19.68 8.14
CA PHE C 58 -55.04 -20.84 8.87
C PHE C 58 -54.91 -20.53 10.35
N ASP C 59 -55.30 -21.48 11.18
CA ASP C 59 -55.15 -21.38 12.63
C ASP C 59 -53.85 -22.00 13.11
N LEU C 60 -53.31 -22.98 12.37
CA LEU C 60 -52.09 -23.67 12.75
C LEU C 60 -51.27 -23.96 11.50
N VAL C 61 -49.98 -23.69 11.56
CA VAL C 61 -49.05 -24.08 10.52
C VAL C 61 -48.03 -25.03 11.14
N TYR C 62 -47.67 -26.08 10.40
CA TYR C 62 -46.80 -27.12 10.92
C TYR C 62 -45.71 -27.41 9.90
N GLY C 63 -44.49 -27.59 10.41
CA GLY C 63 -43.37 -27.98 9.58
C GLY C 63 -42.49 -28.96 10.32
N ALA C 64 -41.85 -29.84 9.55
CA ALA C 64 -41.03 -30.88 10.13
C ALA C 64 -39.85 -31.17 9.22
N THR C 65 -38.70 -31.45 9.82
CA THR C 65 -37.66 -31.86 8.90
C THR C 65 -37.70 -33.36 8.69
N PRO C 66 -37.53 -33.83 7.45
CA PRO C 66 -37.55 -35.27 7.19
C PRO C 66 -36.54 -36.00 8.06
N PRO C 67 -36.87 -37.23 8.47
CA PRO C 67 -35.95 -37.96 9.36
C PRO C 67 -34.63 -38.30 8.69
N LEU C 68 -33.81 -39.13 9.35
CA LEU C 68 -32.48 -39.44 8.82
C LEU C 68 -32.55 -39.94 7.37
N GLY C 69 -33.62 -40.63 7.02
CA GLY C 69 -33.88 -40.93 5.62
C GLY C 69 -34.60 -39.78 4.95
N HIS C 70 -33.87 -38.69 4.71
CA HIS C 70 -34.47 -37.50 4.15
C HIS C 70 -34.63 -37.62 2.63
N THR C 71 -35.37 -36.68 2.05
CA THR C 71 -35.41 -36.56 0.60
C THR C 71 -34.02 -36.28 0.04
N CYS C 72 -33.20 -35.56 0.81
CA CYS C 72 -31.81 -35.26 0.50
C CYS C 72 -31.66 -34.72 -0.92
N ASP C 73 -32.61 -33.86 -1.29
CA ASP C 73 -32.48 -32.92 -2.39
C ASP C 73 -32.25 -31.51 -1.89
N ARG C 74 -32.44 -31.27 -0.59
CA ARG C 74 -32.32 -29.96 0.02
C ARG C 74 -31.54 -30.07 1.32
N PRO C 75 -30.78 -29.02 1.68
CA PRO C 75 -30.09 -29.03 2.96
C PRO C 75 -31.08 -28.99 4.11
N PRO C 76 -30.71 -29.49 5.29
CA PRO C 76 -31.61 -29.40 6.45
C PRO C 76 -32.07 -27.98 6.77
N SER C 77 -31.28 -26.96 6.41
CA SER C 77 -31.67 -25.59 6.70
C SER C 77 -32.71 -25.05 5.73
N TRP C 78 -32.86 -25.67 4.55
CA TRP C 78 -33.88 -25.24 3.60
C TRP C 78 -35.27 -25.35 4.21
N TYR C 79 -35.54 -26.46 4.90
CA TYR C 79 -36.84 -26.65 5.53
C TYR C 79 -37.13 -25.54 6.55
N LEU C 80 -36.13 -25.21 7.37
CA LEU C 80 -36.31 -24.17 8.39
C LEU C 80 -36.58 -22.81 7.74
N PHE C 81 -35.76 -22.42 6.77
CA PHE C 81 -35.91 -21.12 6.15
C PHE C 81 -37.23 -21.01 5.41
N GLN C 82 -37.65 -22.07 4.72
CA GLN C 82 -38.91 -22.03 4.00
C GLN C 82 -40.10 -22.04 4.96
N PHE C 83 -40.00 -22.77 6.06
CA PHE C 83 -41.02 -22.71 7.10
C PHE C 83 -41.19 -21.28 7.58
N HIS C 84 -40.08 -20.59 7.86
CA HIS C 84 -40.16 -19.21 8.30
C HIS C 84 -40.83 -18.34 7.24
N ARG C 85 -40.39 -18.49 5.98
CA ARG C 85 -40.90 -17.65 4.90
C ARG C 85 -42.41 -17.82 4.72
N LEU C 86 -42.91 -19.05 4.88
CA LEU C 86 -44.33 -19.29 4.70
C LEU C 86 -45.14 -18.91 5.93
N LEU C 87 -44.63 -19.20 7.13
CA LEU C 87 -45.32 -18.81 8.35
C LEU C 87 -45.51 -17.30 8.42
N GLN C 88 -44.52 -16.54 7.94
CA GLN C 88 -44.69 -15.09 7.87
C GLN C 88 -45.82 -14.69 6.94
N TYR C 89 -46.16 -15.53 5.97
CA TYR C 89 -47.30 -15.25 5.09
C TYR C 89 -48.62 -15.64 5.77
N ALA C 90 -48.63 -16.76 6.48
CA ALA C 90 -49.87 -17.31 7.01
C ALA C 90 -50.38 -16.60 8.26
N ARG C 91 -49.56 -15.77 8.90
CA ARG C 91 -49.97 -15.11 10.13
C ARG C 91 -51.12 -14.15 9.86
N PRO C 92 -51.98 -13.90 10.86
CA PRO C 92 -53.09 -12.97 10.68
C PRO C 92 -52.67 -11.53 10.94
N LYS C 93 -53.44 -10.61 10.36
CA LYS C 93 -53.19 -9.19 10.55
C LYS C 93 -53.32 -8.82 12.04
N PRO C 94 -52.58 -7.82 12.50
CA PRO C 94 -52.68 -7.44 13.93
C PRO C 94 -54.07 -7.00 14.33
N GLY C 95 -54.78 -6.27 13.47
CA GLY C 95 -56.16 -5.90 13.66
C GLY C 95 -57.17 -7.02 13.57
N SER C 96 -56.71 -8.27 13.42
CA SER C 96 -57.60 -9.43 13.36
C SER C 96 -57.16 -10.43 14.42
N PRO C 97 -57.35 -10.10 15.70
CA PRO C 97 -56.89 -11.01 16.77
C PRO C 97 -57.65 -12.33 16.71
N ARG C 98 -56.91 -13.42 16.64
CA ARG C 98 -57.50 -14.76 16.54
C ARG C 98 -56.49 -15.76 17.05
N PRO C 99 -56.94 -16.84 17.69
CA PRO C 99 -56.01 -17.90 18.13
C PRO C 99 -55.21 -18.46 16.96
N PHE C 100 -53.91 -18.19 16.96
CA PHE C 100 -53.01 -18.63 15.90
C PHE C 100 -51.81 -19.31 16.51
N PHE C 101 -51.46 -20.48 15.98
CA PHE C 101 -50.37 -21.29 16.52
C PHE C 101 -49.49 -21.79 15.38
N TRP C 102 -48.28 -22.20 15.75
CA TRP C 102 -47.33 -22.76 14.79
C TRP C 102 -46.45 -23.77 15.51
N MET C 103 -45.74 -24.58 14.73
CA MET C 103 -44.87 -25.61 15.29
C MET C 103 -43.89 -26.10 14.25
N PHE C 104 -42.64 -26.24 14.65
CA PHE C 104 -41.59 -26.84 13.84
C PHE C 104 -40.87 -27.89 14.68
N VAL C 105 -40.63 -29.06 14.09
CA VAL C 105 -40.00 -30.16 14.81
C VAL C 105 -38.83 -30.68 13.98
N ASP C 106 -37.69 -30.87 14.65
CA ASP C 106 -36.46 -31.37 14.05
C ASP C 106 -36.19 -32.78 14.57
N ASN C 107 -35.90 -33.69 13.64
CA ASN C 107 -35.58 -35.08 13.93
C ASN C 107 -34.07 -35.30 13.92
N LEU C 108 -33.36 -34.44 14.64
CA LEU C 108 -31.92 -34.55 14.87
C LEU C 108 -31.08 -34.39 13.61
N VAL C 109 -31.65 -33.86 12.53
CA VAL C 109 -30.89 -33.69 11.30
C VAL C 109 -30.22 -32.33 11.20
N LEU C 110 -30.53 -31.40 12.09
CA LEU C 110 -29.89 -30.08 12.10
C LEU C 110 -28.63 -30.12 12.94
N ASN C 111 -27.62 -29.37 12.52
CA ASN C 111 -26.37 -29.25 13.25
C ASN C 111 -26.45 -28.09 14.24
N LYS C 112 -25.58 -28.12 15.24
CA LYS C 112 -25.61 -27.13 16.32
C LYS C 112 -25.65 -25.71 15.78
N GLU C 113 -24.89 -25.45 14.70
CA GLU C 113 -24.97 -24.16 14.02
C GLU C 113 -26.38 -23.90 13.50
N ASP C 114 -26.93 -24.86 12.77
CA ASP C 114 -28.31 -24.72 12.29
C ASP C 114 -29.30 -24.69 13.44
N LEU C 115 -28.97 -25.35 14.56
CA LEU C 115 -29.80 -25.23 15.76
C LEU C 115 -29.85 -23.78 16.24
N ASP C 116 -28.69 -23.12 16.28
CA ASP C 116 -28.66 -21.71 16.69
C ASP C 116 -29.43 -20.84 15.71
N VAL C 117 -29.28 -21.11 14.41
CA VAL C 117 -30.02 -20.34 13.41
C VAL C 117 -31.52 -20.52 13.59
N ALA C 118 -31.95 -21.75 13.89
CA ALA C 118 -33.36 -22.02 14.10
C ALA C 118 -33.88 -21.30 15.34
N SER C 119 -33.13 -21.36 16.44
CA SER C 119 -33.54 -20.66 17.65
C SER C 119 -33.57 -19.15 17.44
N ARG C 120 -32.72 -18.64 16.54
CA ARG C 120 -32.74 -17.20 16.26
C ARG C 120 -33.96 -16.82 15.45
N PHE C 121 -34.28 -17.60 14.41
CA PHE C 121 -35.39 -17.23 13.53
C PHE C 121 -36.75 -17.53 14.14
N LEU C 122 -36.85 -18.55 14.99
CA LEU C 122 -38.10 -18.88 15.65
C LEU C 122 -38.25 -18.23 17.02
N GLU C 123 -37.19 -17.56 17.50
CA GLU C 123 -37.26 -16.69 18.68
C GLU C 123 -37.54 -17.47 19.96
N MET C 124 -36.96 -18.66 20.09
CA MET C 124 -37.05 -19.44 21.32
C MET C 124 -36.12 -20.64 21.21
N GLU C 125 -35.86 -21.27 22.34
CA GLU C 125 -35.10 -22.51 22.47
C GLU C 125 -36.03 -23.71 22.33
N PRO C 126 -35.58 -24.78 21.69
CA PRO C 126 -36.45 -25.95 21.48
C PRO C 126 -36.59 -26.79 22.75
N VAL C 127 -37.51 -27.75 22.68
CA VAL C 127 -37.70 -28.69 23.83
C VAL C 127 -37.44 -30.09 23.27
N THR C 128 -36.51 -30.82 23.88
CA THR C 128 -36.16 -32.17 23.38
C THR C 128 -37.13 -33.18 23.99
N ILE C 129 -37.90 -33.87 23.15
CA ILE C 129 -38.88 -34.88 23.65
C ILE C 129 -38.26 -36.26 23.48
N PRO C 130 -38.14 -37.05 24.57
CA PRO C 130 -37.48 -38.35 24.50
C PRO C 130 -38.39 -39.59 24.47
N ASP C 131 -37.97 -40.63 23.74
CA ASP C 131 -38.73 -41.91 23.75
C ASP C 131 -37.93 -42.92 24.57
N VAL C 132 -38.34 -43.17 25.82
CA VAL C 132 -37.56 -44.07 26.72
C VAL C 132 -38.20 -45.45 26.78
N HIS C 133 -37.51 -46.47 26.28
CA HIS C 133 -38.02 -47.86 26.39
C HIS C 133 -36.94 -48.69 27.08
N GLY C 134 -37.32 -49.43 28.13
CA GLY C 134 -36.34 -50.23 28.88
C GLY C 134 -35.23 -49.36 29.44
N GLY C 135 -35.59 -48.18 29.94
CA GLY C 135 -34.58 -47.24 30.49
C GLY C 135 -33.56 -46.82 29.44
N SER C 136 -33.84 -47.09 28.16
CA SER C 136 -32.89 -46.77 27.08
C SER C 136 -33.59 -45.92 26.00
N LEU C 137 -33.09 -44.70 25.76
CA LEU C 137 -33.68 -43.82 24.73
C LEU C 137 -33.59 -44.52 23.37
N GLN C 138 -34.68 -44.48 22.59
CA GLN C 138 -34.65 -45.10 21.25
C GLN C 138 -34.64 -43.98 20.20
N ASN C 139 -35.58 -43.04 20.29
CA ASN C 139 -35.64 -41.90 19.35
C ASN C 139 -35.93 -40.63 20.15
N ALA C 140 -35.80 -39.46 19.51
CA ALA C 140 -36.09 -38.19 20.18
C ALA C 140 -36.30 -37.10 19.13
N VAL C 141 -36.86 -35.96 19.55
CA VAL C 141 -37.13 -34.85 18.59
C VAL C 141 -36.98 -33.51 19.31
N ARG C 142 -36.76 -32.44 18.55
CA ARG C 142 -36.71 -31.07 19.14
C ARG C 142 -37.92 -30.31 18.60
N VAL C 143 -38.60 -29.55 19.45
CA VAL C 143 -39.83 -28.85 19.05
C VAL C 143 -39.72 -27.37 19.41
N TRP C 144 -39.98 -26.51 18.43
CA TRP C 144 -40.27 -25.10 18.64
C TRP C 144 -41.76 -24.88 18.37
N SER C 145 -42.43 -24.12 19.24
CA SER C 145 -43.84 -23.82 19.04
C SER C 145 -44.27 -22.76 20.05
N ASN C 146 -45.46 -22.21 19.81
CA ASN C 146 -46.08 -21.25 20.71
C ASN C 146 -47.28 -21.85 21.43
N ILE C 147 -47.42 -23.18 21.39
CA ILE C 147 -48.51 -23.88 22.07
C ILE C 147 -48.11 -24.13 23.52
N PRO C 148 -48.95 -23.79 24.49
CA PRO C 148 -48.57 -23.88 25.91
C PRO C 148 -48.56 -25.31 26.44
N ALA C 149 -47.76 -26.16 25.82
CA ALA C 149 -47.64 -27.54 26.26
C ALA C 149 -46.81 -27.65 27.54
N ALA C 156 -38.25 -36.04 32.33
CA ALA C 156 -37.41 -36.69 31.33
C ALA C 156 -36.37 -35.71 30.78
N LEU C 157 -35.12 -35.89 31.23
CA LEU C 157 -34.03 -35.02 30.84
C LEU C 157 -32.90 -35.87 30.25
N VAL C 158 -32.26 -35.35 29.20
CA VAL C 158 -31.21 -36.07 28.49
C VAL C 158 -30.15 -35.06 28.04
N SER C 159 -28.89 -35.40 28.26
CA SER C 159 -27.78 -34.56 27.83
C SER C 159 -27.54 -34.70 26.34
N GLU C 160 -26.97 -33.65 25.73
CA GLU C 160 -26.75 -33.62 24.29
C GLU C 160 -25.78 -34.70 23.81
N GLU C 161 -25.06 -35.35 24.71
CA GLU C 161 -24.11 -36.38 24.29
C GLU C 161 -24.81 -37.69 23.97
N GLU C 162 -25.83 -38.06 24.76
CA GLU C 162 -26.67 -39.19 24.40
C GLU C 162 -27.31 -38.97 23.03
N LEU C 163 -27.80 -37.75 22.78
CA LEU C 163 -28.40 -37.44 21.48
C LEU C 163 -27.36 -37.46 20.37
N SER C 164 -26.14 -37.01 20.67
CA SER C 164 -25.09 -37.00 19.65
C SER C 164 -24.74 -38.42 19.23
N LEU C 165 -24.46 -39.29 20.20
CA LEU C 165 -24.17 -40.69 19.87
C LEU C 165 -25.37 -41.39 19.25
N LEU C 166 -26.59 -41.00 19.65
CA LEU C 166 -27.78 -41.55 19.03
C LEU C 166 -27.83 -41.21 17.55
N ALA C 167 -27.76 -39.92 17.22
CA ALA C 167 -27.78 -39.50 15.83
C ALA C 167 -26.61 -40.07 15.04
N GLN C 168 -25.48 -40.30 15.70
CA GLN C 168 -24.34 -40.89 15.01
C GLN C 168 -24.61 -42.36 14.66
N ASN C 169 -25.23 -43.10 15.58
CA ASN C 169 -25.45 -44.53 15.35
C ASN C 169 -26.63 -44.78 14.42
N LYS C 170 -27.73 -44.04 14.59
CA LYS C 170 -28.98 -44.34 13.90
C LYS C 170 -28.96 -43.96 12.43
N GLN C 171 -27.85 -43.44 11.90
CA GLN C 171 -27.77 -43.12 10.48
C GLN C 171 -28.05 -44.33 9.61
N SER C 172 -27.87 -45.54 10.13
CA SER C 172 -28.19 -46.76 9.40
C SER C 172 -29.70 -46.89 9.19
N TRP C 179 -39.93 -41.98 12.02
CA TRP C 179 -40.73 -40.78 12.26
C TRP C 179 -41.48 -40.88 13.58
N PRO C 180 -40.99 -40.18 14.61
CA PRO C 180 -41.60 -40.26 15.94
C PRO C 180 -42.76 -39.28 16.11
N THR C 181 -43.81 -39.47 15.32
CA THR C 181 -44.99 -38.62 15.42
C THR C 181 -45.66 -38.76 16.78
N LYS C 182 -45.53 -39.94 17.41
CA LYS C 182 -46.19 -40.18 18.69
C LYS C 182 -45.72 -39.20 19.75
N LEU C 183 -44.42 -38.87 19.76
CA LEU C 183 -43.89 -37.96 20.76
C LEU C 183 -44.50 -36.56 20.66
N VAL C 184 -44.86 -36.14 19.46
CA VAL C 184 -45.32 -34.77 19.24
C VAL C 184 -46.84 -34.58 19.45
N LYS C 185 -47.63 -35.64 19.31
CA LYS C 185 -49.08 -35.51 19.40
C LYS C 185 -49.52 -34.88 20.74
N ASN C 186 -48.79 -35.20 21.81
CA ASN C 186 -49.09 -34.60 23.11
C ASN C 186 -49.00 -33.08 23.05
N CYS C 187 -48.06 -32.56 22.25
CA CYS C 187 -47.96 -31.11 22.11
C CYS C 187 -49.16 -30.51 21.40
N PHE C 188 -49.77 -31.27 20.47
CA PHE C 188 -50.98 -30.79 19.82
C PHE C 188 -52.15 -30.76 20.79
N LEU C 189 -52.21 -31.75 21.69
CA LEU C 189 -53.35 -31.89 22.60
C LEU C 189 -53.88 -30.58 23.21
N PRO C 190 -53.05 -29.68 23.74
CA PRO C 190 -53.61 -28.44 24.33
C PRO C 190 -54.43 -27.58 23.37
N LEU C 191 -54.43 -27.87 22.06
CA LEU C 191 -55.24 -27.12 21.11
C LEU C 191 -56.72 -27.50 21.16
N ARG C 192 -57.13 -28.36 22.09
CA ARG C 192 -58.53 -28.74 22.16
C ARG C 192 -59.38 -27.60 22.70
N GLU C 193 -58.84 -26.83 23.64
CA GLU C 193 -59.60 -25.76 24.28
C GLU C 193 -59.95 -24.62 23.34
N TYR C 194 -59.55 -24.71 22.07
CA TYR C 194 -59.78 -23.66 21.11
C TYR C 194 -60.51 -24.10 19.85
N PHE C 195 -60.53 -25.40 19.54
CA PHE C 195 -61.11 -25.91 18.31
C PHE C 195 -61.96 -27.13 18.60
N LYS C 196 -62.78 -27.51 17.61
CA LYS C 196 -63.78 -28.55 17.82
C LYS C 196 -63.13 -29.92 17.99
N TYR C 197 -63.69 -30.69 18.93
CA TYR C 197 -63.27 -32.07 19.19
C TYR C 197 -64.23 -33.00 18.46
N PHE C 198 -63.72 -33.69 17.44
CA PHE C 198 -64.51 -34.67 16.69
C PHE C 198 -64.44 -36.02 17.39
N SER C 199 -65.57 -36.72 17.42
CA SER C 199 -65.66 -38.01 18.09
C SER C 199 -64.74 -39.04 17.42
N LYS D 2 -40.42 20.20 5.89
CA LYS D 2 -41.07 19.10 6.59
C LYS D 2 -40.19 17.86 6.59
N ARG D 3 -39.12 17.90 5.81
CA ARG D 3 -38.23 16.75 5.68
C ARG D 3 -37.31 16.64 6.88
N ARG D 4 -36.94 15.41 7.21
CA ARG D 4 -36.15 15.09 8.39
C ARG D 4 -34.92 14.30 7.97
N PRO D 5 -33.88 14.29 8.81
CA PRO D 5 -32.67 13.50 8.48
C PRO D 5 -32.99 12.01 8.39
N ILE D 6 -32.17 11.32 7.61
CA ILE D 6 -32.39 9.91 7.31
C ILE D 6 -31.72 9.05 8.37
N ARG D 7 -32.36 7.93 8.69
CA ARG D 7 -31.86 6.95 9.66
C ARG D 7 -31.62 5.64 8.94
N VAL D 8 -30.37 5.16 8.96
CA VAL D 8 -29.93 4.08 8.10
C VAL D 8 -29.51 2.88 8.94
N LEU D 9 -29.69 1.69 8.35
CA LEU D 9 -29.18 0.44 8.89
C LEU D 9 -28.50 -0.30 7.75
N SER D 10 -27.18 -0.42 7.81
CA SER D 10 -26.39 -1.02 6.73
C SER D 10 -25.81 -2.35 7.21
N LEU D 11 -26.33 -3.44 6.67
CA LEU D 11 -25.81 -4.77 6.92
C LEU D 11 -24.77 -5.09 5.85
N PHE D 12 -23.62 -5.62 6.27
CA PHE D 12 -22.47 -5.87 5.39
C PHE D 12 -22.05 -4.56 4.70
N ASP D 13 -21.57 -3.64 5.53
CA ASP D 13 -21.29 -2.29 5.08
C ASP D 13 -19.98 -2.18 4.33
N GLY D 14 -18.96 -2.92 4.77
CA GLY D 14 -17.69 -2.93 4.06
C GLY D 14 -17.01 -1.58 4.07
N ILE D 15 -16.87 -0.98 2.88
CA ILE D 15 -16.15 0.28 2.72
C ILE D 15 -17.10 1.45 2.97
N ALA D 16 -18.28 1.16 3.52
CA ALA D 16 -19.25 2.18 3.91
C ALA D 16 -19.64 3.05 2.72
N THR D 17 -19.97 2.39 1.60
CA THR D 17 -20.29 3.12 0.39
C THR D 17 -21.59 3.92 0.53
N GLY D 18 -22.56 3.37 1.26
CA GLY D 18 -23.85 4.03 1.38
C GLY D 18 -23.76 5.40 2.04
N TYR D 19 -22.97 5.50 3.10
CA TYR D 19 -22.76 6.80 3.76
C TYR D 19 -22.10 7.78 2.79
N LEU D 20 -21.08 7.33 2.08
CA LEU D 20 -20.42 8.18 1.09
C LEU D 20 -21.41 8.72 0.08
N VAL D 21 -22.29 7.85 -0.42
CA VAL D 21 -23.27 8.26 -1.43
C VAL D 21 -24.27 9.26 -0.85
N LEU D 22 -24.79 8.96 0.35
CA LEU D 22 -25.76 9.85 0.97
C LEU D 22 -25.16 11.22 1.24
N LYS D 23 -23.92 11.28 1.74
CA LYS D 23 -23.31 12.56 2.05
C LYS D 23 -22.85 13.29 0.79
N GLU D 24 -22.59 12.55 -0.29
CA GLU D 24 -22.31 13.22 -1.57
C GLU D 24 -23.55 13.82 -2.17
N LEU D 25 -24.71 13.17 -2.00
CA LEU D 25 -25.97 13.71 -2.46
C LEU D 25 -26.50 14.83 -1.58
N GLY D 26 -25.85 15.12 -0.45
CA GLY D 26 -26.24 16.21 0.41
C GLY D 26 -27.32 15.87 1.43
N ILE D 27 -27.62 14.59 1.62
CA ILE D 27 -28.67 14.19 2.54
C ILE D 27 -28.11 14.15 3.96
N LYS D 28 -28.79 14.84 4.87
CA LYS D 28 -28.39 14.83 6.27
C LYS D 28 -28.74 13.48 6.90
N VAL D 29 -27.76 12.86 7.56
CA VAL D 29 -27.93 11.55 8.17
C VAL D 29 -27.93 11.73 9.68
N GLU D 30 -29.01 11.29 10.33
CA GLU D 30 -29.09 11.34 11.78
C GLU D 30 -28.42 10.15 12.43
N LYS D 31 -28.47 8.98 11.78
CA LYS D 31 -27.98 7.74 12.38
C LYS D 31 -27.64 6.76 11.27
N TYR D 32 -26.45 6.17 11.34
CA TYR D 32 -25.97 5.21 10.34
C TYR D 32 -25.30 4.07 11.09
N ILE D 33 -25.99 2.92 11.14
CA ILE D 33 -25.53 1.76 11.91
C ILE D 33 -25.07 0.70 10.91
N ALA D 34 -23.82 0.26 11.07
CA ALA D 34 -23.18 -0.66 10.15
C ALA D 34 -22.85 -1.96 10.85
N SER D 35 -22.95 -3.08 10.11
CA SER D 35 -22.65 -4.41 10.62
C SER D 35 -21.55 -5.01 9.75
N GLU D 36 -20.30 -4.84 10.18
CA GLU D 36 -19.14 -5.32 9.44
C GLU D 36 -18.20 -6.03 10.41
N VAL D 37 -17.40 -6.96 9.88
CA VAL D 37 -16.53 -7.77 10.71
C VAL D 37 -15.06 -7.54 10.37
N CYS D 38 -14.76 -7.26 9.10
CA CYS D 38 -13.38 -7.07 8.68
C CYS D 38 -12.83 -5.77 9.24
N ALA D 39 -11.80 -5.87 10.08
CA ALA D 39 -11.29 -4.70 10.79
C ALA D 39 -10.81 -3.62 9.85
N GLU D 40 -10.33 -3.99 8.66
CA GLU D 40 -9.81 -2.99 7.73
C GLU D 40 -10.95 -2.20 7.09
N SER D 41 -12.06 -2.86 6.75
CA SER D 41 -13.24 -2.14 6.30
C SER D 41 -13.73 -1.16 7.35
N ILE D 42 -13.78 -1.60 8.61
CA ILE D 42 -14.20 -0.74 9.70
C ILE D 42 -13.25 0.45 9.83
N ALA D 43 -11.96 0.22 9.60
CA ALA D 43 -10.98 1.30 9.67
C ALA D 43 -11.22 2.32 8.55
N VAL D 44 -11.47 1.84 7.33
CA VAL D 44 -11.79 2.74 6.22
C VAL D 44 -12.99 3.61 6.60
N GLY D 45 -14.08 2.97 7.02
CA GLY D 45 -15.29 3.70 7.36
C GLY D 45 -15.10 4.67 8.51
N THR D 46 -14.30 4.28 9.50
CA THR D 46 -14.11 5.10 10.69
C THR D 46 -13.26 6.33 10.39
N VAL D 47 -12.17 6.14 9.65
CA VAL D 47 -11.27 7.27 9.38
C VAL D 47 -11.86 8.19 8.33
N LYS D 48 -12.34 7.65 7.21
CA LYS D 48 -12.75 8.50 6.10
C LYS D 48 -14.06 9.24 6.37
N HIS D 49 -14.83 8.84 7.37
CA HIS D 49 -16.12 9.48 7.66
C HIS D 49 -16.17 10.08 9.06
N GLU D 50 -15.00 10.31 9.68
CA GLU D 50 -14.89 11.06 10.93
C GLU D 50 -15.68 10.42 12.07
N GLY D 51 -15.71 9.09 12.08
CA GLY D 51 -16.36 8.37 13.17
C GLY D 51 -17.82 8.68 13.35
N GLN D 52 -18.51 9.12 12.29
CA GLN D 52 -19.94 9.38 12.34
C GLN D 52 -20.76 8.12 12.08
N ILE D 53 -20.13 6.95 12.12
CA ILE D 53 -20.79 5.68 11.84
C ILE D 53 -20.68 4.80 13.07
N LYS D 54 -21.76 4.08 13.39
CA LYS D 54 -21.81 3.17 14.52
C LYS D 54 -21.77 1.73 13.99
N TYR D 55 -20.82 0.95 14.48
CA TYR D 55 -20.65 -0.44 14.08
C TYR D 55 -21.20 -1.37 15.16
N VAL D 56 -21.84 -2.47 14.73
CA VAL D 56 -22.57 -3.33 15.65
C VAL D 56 -22.19 -4.79 15.46
N ASP D 57 -21.02 -5.03 14.86
CA ASP D 57 -20.40 -6.36 14.82
C ASP D 57 -21.28 -7.30 13.96
N ASP D 58 -21.30 -8.59 14.29
CA ASP D 58 -21.91 -9.58 13.42
C ASP D 58 -23.43 -9.39 13.33
N ILE D 59 -23.98 -9.64 12.14
CA ILE D 59 -25.42 -9.53 11.93
C ILE D 59 -26.17 -10.67 12.64
N ARG D 60 -25.50 -11.81 12.86
CA ARG D 60 -26.15 -12.94 13.50
C ARG D 60 -26.36 -12.72 15.00
N ASN D 61 -25.70 -11.75 15.60
CA ASN D 61 -25.86 -11.42 17.00
C ASN D 61 -26.78 -10.22 17.21
N ILE D 62 -27.39 -9.72 16.15
CA ILE D 62 -28.36 -8.62 16.24
C ILE D 62 -29.74 -9.21 16.48
N THR D 63 -30.38 -8.78 17.56
CA THR D 63 -31.70 -9.28 17.96
C THR D 63 -32.77 -8.25 17.61
N LYS D 64 -34.03 -8.70 17.65
CA LYS D 64 -35.14 -7.78 17.44
C LYS D 64 -35.16 -6.69 18.49
N GLU D 65 -34.73 -7.00 19.71
CA GLU D 65 -34.60 -5.98 20.74
C GLU D 65 -33.54 -4.95 20.35
N HIS D 66 -32.44 -5.41 19.73
CA HIS D 66 -31.46 -4.48 19.18
C HIS D 66 -32.08 -3.58 18.12
N ILE D 67 -32.92 -4.15 17.26
CA ILE D 67 -33.56 -3.36 16.21
C ILE D 67 -34.48 -2.31 16.81
N ASP D 68 -35.25 -2.68 17.84
CA ASP D 68 -36.16 -1.73 18.47
C ASP D 68 -35.40 -0.64 19.21
N GLU D 69 -34.33 -1.00 19.93
CA GLU D 69 -33.53 -0.01 20.63
C GLU D 69 -32.87 0.96 19.66
N TRP D 70 -32.13 0.42 18.69
CA TRP D 70 -31.43 1.26 17.73
C TRP D 70 -32.39 1.98 16.80
N GLY D 71 -33.56 1.40 16.55
CA GLY D 71 -34.50 1.95 15.61
C GLY D 71 -35.23 3.17 16.13
N PRO D 72 -36.27 3.60 15.40
CA PRO D 72 -36.76 3.05 14.12
C PRO D 72 -35.81 3.38 12.98
N PHE D 73 -35.94 2.72 11.83
CA PHE D 73 -35.04 2.93 10.71
C PHE D 73 -35.81 3.38 9.48
N ASP D 74 -35.22 4.29 8.71
CA ASP D 74 -35.81 4.77 7.48
C ASP D 74 -35.24 4.10 6.24
N LEU D 75 -34.01 3.61 6.30
CA LEU D 75 -33.38 2.95 5.17
C LEU D 75 -32.68 1.68 5.66
N VAL D 76 -32.84 0.60 4.90
CA VAL D 76 -32.11 -0.64 5.13
C VAL D 76 -31.29 -0.95 3.89
N ILE D 77 -30.01 -1.22 4.09
CA ILE D 77 -29.04 -1.40 3.02
C ILE D 77 -28.34 -2.74 3.24
N GLY D 78 -28.13 -3.51 2.17
CA GLY D 78 -27.53 -4.82 2.33
C GLY D 78 -26.86 -5.33 1.07
N GLY D 79 -25.82 -6.14 1.28
CA GLY D 79 -25.12 -6.85 0.23
C GLY D 79 -24.33 -8.02 0.80
N SER D 80 -24.95 -9.19 0.87
CA SER D 80 -24.38 -10.31 1.59
C SER D 80 -23.21 -10.92 0.81
N PRO D 81 -22.35 -11.70 1.48
CA PRO D 81 -21.25 -12.36 0.78
C PRO D 81 -21.75 -13.25 -0.35
N CYS D 82 -21.08 -13.14 -1.51
CA CYS D 82 -21.46 -13.86 -2.72
C CYS D 82 -20.46 -14.94 -3.09
N ASN D 83 -19.51 -15.28 -2.20
CA ASN D 83 -18.50 -16.26 -2.54
C ASN D 83 -19.10 -17.65 -2.76
N ASP D 84 -20.24 -17.94 -2.12
CA ASP D 84 -20.96 -19.18 -2.30
C ASP D 84 -22.13 -19.05 -3.27
N LEU D 85 -22.41 -17.84 -3.74
CA LEU D 85 -23.51 -17.59 -4.68
C LEU D 85 -23.03 -17.44 -6.12
N SER D 86 -21.88 -16.82 -6.32
CA SER D 86 -21.38 -16.58 -7.67
C SER D 86 -20.93 -17.89 -8.33
N CYS D 87 -21.00 -17.91 -9.65
CA CYS D 87 -20.62 -19.08 -10.43
C CYS D 87 -19.12 -19.12 -10.74
N VAL D 88 -18.38 -18.05 -10.47
CA VAL D 88 -16.94 -18.09 -10.65
C VAL D 88 -16.28 -19.02 -9.64
N ASN D 89 -16.95 -19.30 -8.53
CA ASN D 89 -16.44 -20.23 -7.53
C ASN D 89 -16.93 -21.64 -7.86
N PRO D 90 -16.03 -22.59 -8.16
CA PRO D 90 -16.49 -23.96 -8.42
C PRO D 90 -16.95 -24.70 -7.17
N VAL D 91 -16.60 -24.22 -5.98
CA VAL D 91 -17.00 -24.89 -4.74
C VAL D 91 -18.02 -24.04 -4.02
N ARG D 92 -18.84 -23.32 -4.78
CA ARG D 92 -19.95 -22.57 -4.21
C ARG D 92 -20.90 -23.52 -3.49
N LYS D 93 -21.42 -23.07 -2.35
CA LYS D 93 -22.28 -23.90 -1.51
C LYS D 93 -23.76 -23.56 -1.66
N GLY D 94 -24.10 -22.58 -2.48
CA GLY D 94 -25.50 -22.21 -2.68
C GLY D 94 -26.00 -21.23 -1.66
N LEU D 95 -27.28 -20.87 -1.82
CA LEU D 95 -27.90 -19.88 -0.94
C LEU D 95 -28.17 -20.41 0.45
N PHE D 96 -28.31 -21.73 0.61
CA PHE D 96 -28.68 -22.33 1.89
C PHE D 96 -27.50 -22.93 2.63
N GLU D 97 -26.28 -22.75 2.14
CA GLU D 97 -25.09 -23.22 2.82
C GLU D 97 -23.97 -22.19 2.69
N GLY D 98 -22.94 -22.35 3.51
CA GLY D 98 -21.81 -21.43 3.45
C GLY D 98 -22.21 -20.03 3.82
N THR D 99 -21.73 -19.06 3.03
CA THR D 99 -22.02 -17.66 3.30
C THR D 99 -23.37 -17.23 2.76
N GLY D 100 -23.96 -18.01 1.86
CA GLY D 100 -25.28 -17.68 1.35
C GLY D 100 -26.33 -17.54 2.44
N ARG D 101 -26.21 -18.35 3.51
CA ARG D 101 -27.13 -18.25 4.63
C ARG D 101 -27.19 -16.84 5.20
N LEU D 102 -26.10 -16.07 5.06
CA LEU D 102 -26.09 -14.70 5.59
C LEU D 102 -27.18 -13.84 4.97
N PHE D 103 -27.58 -14.14 3.73
CA PHE D 103 -28.72 -13.43 3.14
C PHE D 103 -29.93 -13.48 4.06
N PHE D 104 -30.21 -14.65 4.64
CA PHE D 104 -31.39 -14.81 5.47
C PHE D 104 -31.31 -14.01 6.75
N GLU D 105 -30.11 -13.56 7.15
CA GLU D 105 -30.03 -12.62 8.26
C GLU D 105 -30.60 -11.27 7.85
N PHE D 106 -30.20 -10.77 6.67
CA PHE D 106 -30.78 -9.57 6.08
C PHE D 106 -32.29 -9.62 6.17
N TYR D 107 -32.90 -10.55 5.44
CA TYR D 107 -34.32 -10.88 5.56
C TYR D 107 -34.81 -10.70 6.98
N ARG D 108 -34.21 -11.42 7.93
CA ARG D 108 -34.65 -11.37 9.32
C ARG D 108 -34.69 -9.93 9.81
N LEU D 109 -33.54 -9.25 9.79
CA LEU D 109 -33.49 -7.88 10.28
C LEU D 109 -34.44 -6.99 9.52
N LEU D 110 -34.62 -7.24 8.21
CA LEU D 110 -35.55 -6.46 7.42
C LEU D 110 -36.94 -6.55 8.02
N ASN D 111 -37.41 -7.77 8.28
CA ASN D 111 -38.72 -7.92 8.90
C ASN D 111 -38.76 -7.31 10.29
N TYR D 112 -37.62 -7.25 10.98
CA TYR D 112 -37.62 -6.61 12.28
C TYR D 112 -37.72 -5.10 12.16
N SER D 113 -37.27 -4.54 11.04
CA SER D 113 -37.24 -3.09 10.84
C SER D 113 -38.42 -2.58 10.02
N CYS D 114 -39.24 -3.47 9.46
CA CYS D 114 -40.40 -3.02 8.71
C CYS D 114 -41.41 -2.38 9.64
N PRO D 115 -41.95 -1.21 9.31
CA PRO D 115 -42.90 -0.54 10.19
C PRO D 115 -44.23 -1.28 10.23
N GLU D 116 -44.97 -1.03 11.30
CA GLU D 116 -46.34 -1.54 11.39
C GLU D 116 -47.18 -0.92 10.28
N GLU D 117 -48.27 -1.62 9.93
CA GLU D 117 -49.12 -1.14 8.84
C GLU D 117 -49.83 0.17 9.18
N GLU D 118 -49.98 0.48 10.47
CA GLU D 118 -50.49 1.79 10.84
C GLU D 118 -49.46 2.88 10.59
N ASP D 119 -48.18 2.53 10.62
CA ASP D 119 -47.10 3.48 10.38
C ASP D 119 -47.00 3.76 8.88
N ASP D 120 -47.51 4.91 8.47
CA ASP D 120 -47.34 5.37 7.09
C ASP D 120 -45.97 6.01 6.87
N ARG D 121 -45.08 5.93 7.84
CA ARG D 121 -43.74 6.47 7.68
C ARG D 121 -43.04 5.79 6.52
N PRO D 122 -42.44 6.55 5.60
CA PRO D 122 -41.72 5.94 4.48
C PRO D 122 -40.61 5.01 4.97
N PHE D 123 -40.46 3.88 4.28
CA PHE D 123 -39.46 2.88 4.63
C PHE D 123 -38.88 2.33 3.34
N PHE D 124 -37.57 2.47 3.17
CA PHE D 124 -36.88 2.02 1.97
C PHE D 124 -35.87 0.94 2.33
N TRP D 125 -35.62 0.06 1.37
CA TRP D 125 -34.66 -1.02 1.57
C TRP D 125 -34.05 -1.42 0.24
N MET D 126 -32.84 -1.97 0.30
CA MET D 126 -32.12 -2.38 -0.90
C MET D 126 -31.18 -3.52 -0.56
N PHE D 127 -31.15 -4.52 -1.44
CA PHE D 127 -30.23 -5.65 -1.36
C PHE D 127 -29.51 -5.79 -2.69
N GLU D 128 -28.20 -6.01 -2.63
CA GLU D 128 -27.38 -6.15 -3.82
C GLU D 128 -26.72 -7.52 -3.85
N ASN D 129 -26.67 -8.13 -5.03
CA ASN D 129 -25.83 -9.30 -5.22
C ASN D 129 -25.47 -9.40 -6.70
N VAL D 130 -24.83 -10.51 -7.08
CA VAL D 130 -24.24 -10.66 -8.40
C VAL D 130 -25.28 -11.11 -9.43
N VAL D 131 -24.94 -10.97 -10.70
CA VAL D 131 -25.74 -11.56 -11.77
C VAL D 131 -25.31 -13.00 -12.04
N ALA D 132 -24.03 -13.30 -11.90
CA ALA D 132 -23.50 -14.62 -12.19
C ALA D 132 -23.73 -15.61 -11.06
N MET D 133 -24.96 -15.68 -10.57
CA MET D 133 -25.35 -16.70 -9.60
C MET D 133 -26.31 -17.68 -10.26
N GLU D 134 -26.45 -18.85 -9.63
CA GLU D 134 -27.32 -19.88 -10.17
C GLU D 134 -28.78 -19.42 -10.10
N VAL D 135 -29.54 -19.76 -11.15
CA VAL D 135 -30.91 -19.27 -11.29
C VAL D 135 -31.76 -19.65 -10.08
N GLY D 136 -31.49 -20.80 -9.47
CA GLY D 136 -32.23 -21.17 -8.27
C GLY D 136 -31.99 -20.20 -7.13
N ASP D 137 -30.75 -19.75 -6.95
CA ASP D 137 -30.43 -18.82 -5.89
C ASP D 137 -31.13 -17.48 -6.10
N LYS D 138 -31.10 -16.97 -7.33
CA LYS D 138 -31.81 -15.73 -7.63
C LYS D 138 -33.31 -15.88 -7.40
N ARG D 139 -33.86 -17.00 -7.86
CA ARG D 139 -35.28 -17.31 -7.62
C ARG D 139 -35.62 -17.24 -6.14
N ASP D 140 -34.79 -17.88 -5.31
CA ASP D 140 -35.10 -17.96 -3.88
C ASP D 140 -34.90 -16.61 -3.19
N ILE D 141 -33.89 -15.85 -3.60
CA ILE D 141 -33.72 -14.50 -3.05
C ILE D 141 -34.94 -13.65 -3.37
N SER D 142 -35.44 -13.73 -4.61
CA SER D 142 -36.65 -13.00 -4.97
C SER D 142 -37.85 -13.49 -4.15
N ARG D 143 -37.96 -14.81 -3.96
CA ARG D 143 -39.05 -15.37 -3.16
C ARG D 143 -39.06 -14.78 -1.76
N PHE D 144 -37.90 -14.78 -1.10
CA PHE D 144 -37.83 -14.29 0.27
C PHE D 144 -37.99 -12.78 0.35
N LEU D 145 -37.60 -12.05 -0.71
CA LEU D 145 -37.76 -10.60 -0.72
C LEU D 145 -39.06 -10.15 -1.36
N GLU D 146 -39.83 -11.08 -1.93
CA GLU D 146 -41.17 -10.79 -2.47
C GLU D 146 -41.13 -9.70 -3.54
N CYS D 147 -40.05 -9.62 -4.30
CA CYS D 147 -39.95 -8.67 -5.40
C CYS D 147 -38.85 -9.13 -6.34
N ASN D 148 -38.97 -8.72 -7.60
CA ASN D 148 -37.97 -9.10 -8.59
C ASN D 148 -36.86 -8.05 -8.65
N PRO D 149 -35.63 -8.47 -8.95
CA PRO D 149 -34.51 -7.53 -8.97
C PRO D 149 -34.43 -6.75 -10.27
N VAL D 150 -33.81 -5.58 -10.17
CA VAL D 150 -33.42 -4.78 -11.32
C VAL D 150 -31.94 -5.07 -11.61
N MET D 151 -31.62 -5.33 -12.86
CA MET D 151 -30.24 -5.58 -13.26
C MET D 151 -29.58 -4.27 -13.68
N ILE D 152 -28.37 -4.04 -13.19
CA ILE D 152 -27.62 -2.82 -13.52
C ILE D 152 -26.16 -3.18 -13.75
N ASP D 153 -25.61 -2.74 -14.88
CA ASP D 153 -24.19 -2.86 -15.17
C ASP D 153 -23.54 -1.49 -15.02
N ALA D 154 -22.38 -1.46 -14.37
CA ALA D 154 -21.70 -0.20 -14.10
C ALA D 154 -20.94 0.36 -15.29
N ILE D 155 -20.93 -0.33 -16.43
CA ILE D 155 -20.17 0.16 -17.58
C ILE D 155 -20.77 1.45 -18.11
N LYS D 156 -22.08 1.67 -17.91
CA LYS D 156 -22.72 2.89 -18.39
C LYS D 156 -22.25 4.13 -17.66
N VAL D 157 -21.65 3.97 -16.47
CA VAL D 157 -21.27 5.12 -15.65
C VAL D 157 -19.80 5.04 -15.25
N SER D 158 -19.19 3.87 -15.43
CA SER D 158 -17.78 3.71 -15.08
C SER D 158 -17.01 3.07 -16.24
N ALA D 159 -15.77 2.70 -15.99
CA ALA D 159 -14.89 2.14 -17.02
C ALA D 159 -14.79 0.61 -16.95
N ALA D 160 -15.52 -0.03 -16.04
CA ALA D 160 -15.41 -1.47 -15.86
C ALA D 160 -16.80 -2.11 -15.90
N HIS D 161 -16.81 -3.40 -16.19
CA HIS D 161 -18.02 -4.19 -16.10
C HIS D 161 -18.33 -4.54 -14.66
N ARG D 162 -19.59 -4.38 -14.27
CA ARG D 162 -20.04 -4.84 -12.96
C ARG D 162 -21.55 -5.08 -12.97
N ALA D 163 -21.95 -6.27 -13.41
CA ALA D 163 -23.36 -6.62 -13.49
C ALA D 163 -23.86 -7.06 -12.13
N ARG D 164 -24.88 -6.35 -11.60
CA ARG D 164 -25.39 -6.63 -10.27
C ARG D 164 -26.90 -6.57 -10.27
N TYR D 165 -27.51 -7.49 -9.51
CA TYR D 165 -28.94 -7.48 -9.23
C TYR D 165 -29.20 -6.65 -7.98
N PHE D 166 -30.24 -5.82 -8.04
CA PHE D 166 -30.66 -4.96 -6.93
C PHE D 166 -32.13 -5.21 -6.66
N TRP D 167 -32.44 -5.77 -5.49
CA TRP D 167 -33.81 -5.81 -5.00
C TRP D 167 -34.07 -4.60 -4.13
N GLY D 168 -35.30 -4.13 -4.14
CA GLY D 168 -35.66 -3.01 -3.28
C GLY D 168 -36.90 -2.31 -3.77
N ASN D 169 -37.25 -1.23 -3.04
CA ASN D 169 -38.44 -0.44 -3.31
C ASN D 169 -38.12 1.04 -3.49
N LEU D 170 -36.87 1.38 -3.79
CA LEU D 170 -36.49 2.77 -3.95
C LEU D 170 -37.23 3.37 -5.15
N PRO D 171 -37.46 4.69 -5.13
CA PRO D 171 -38.22 5.31 -6.22
C PRO D 171 -37.49 5.20 -7.55
N GLY D 172 -38.17 4.65 -8.55
CA GLY D 172 -37.64 4.57 -9.90
C GLY D 172 -36.36 3.79 -10.03
N MET D 173 -36.32 2.58 -9.48
CA MET D 173 -35.13 1.75 -9.63
C MET D 173 -34.98 1.20 -11.04
N ASN D 174 -36.06 1.21 -11.83
CA ASN D 174 -36.03 0.74 -13.21
C ASN D 174 -35.79 1.86 -14.22
N ARG D 175 -35.68 3.11 -13.77
CA ARG D 175 -35.47 4.20 -14.70
C ARG D 175 -34.10 4.07 -15.37
N PRO D 176 -33.96 4.56 -16.59
CA PRO D 176 -32.69 4.39 -17.31
C PRO D 176 -31.53 5.03 -16.58
N VAL D 177 -30.37 4.39 -16.63
CA VAL D 177 -29.16 4.91 -16.01
C VAL D 177 -28.47 5.85 -16.99
N MET D 178 -27.97 6.96 -16.47
CA MET D 178 -27.22 7.93 -17.26
C MET D 178 -25.95 8.30 -16.50
N ALA D 179 -24.97 8.78 -17.24
CA ALA D 179 -23.67 9.15 -16.69
C ALA D 179 -23.58 10.66 -16.53
N SER D 180 -23.22 11.10 -15.32
CA SER D 180 -22.97 12.52 -15.10
C SER D 180 -21.66 12.92 -15.77
N LYS D 181 -21.34 14.22 -15.69
CA LYS D 181 -20.10 14.71 -16.26
C LYS D 181 -18.89 14.12 -15.55
N ASN D 182 -18.97 13.99 -14.23
CA ASN D 182 -17.87 13.47 -13.44
C ASN D 182 -17.69 11.96 -13.57
N ASP D 183 -18.58 11.28 -14.29
CA ASP D 183 -18.48 9.83 -14.48
C ASP D 183 -17.36 9.53 -15.47
N LYS D 184 -16.28 8.94 -14.98
CA LYS D 184 -15.13 8.59 -15.82
C LYS D 184 -15.48 7.34 -16.62
N LEU D 185 -15.86 7.55 -17.88
CA LEU D 185 -16.43 6.46 -18.67
C LEU D 185 -15.35 5.54 -19.25
N GLU D 186 -14.24 6.10 -19.70
CA GLU D 186 -13.17 5.30 -20.28
C GLU D 186 -12.08 5.02 -19.25
N LEU D 187 -11.31 3.97 -19.52
CA LEU D 187 -10.23 3.60 -18.61
C LEU D 187 -9.14 4.67 -18.57
N GLN D 188 -8.95 5.40 -19.67
CA GLN D 188 -7.90 6.41 -19.72
C GLN D 188 -8.18 7.56 -18.76
N ASP D 189 -9.45 7.79 -18.42
CA ASP D 189 -9.79 8.86 -17.48
C ASP D 189 -9.38 8.54 -16.05
N CYS D 190 -9.25 7.25 -15.73
CA CYS D 190 -8.88 6.83 -14.38
C CYS D 190 -7.39 6.64 -14.19
N LEU D 191 -6.60 6.68 -15.26
CA LEU D 191 -5.19 6.38 -15.16
C LEU D 191 -4.39 7.58 -14.65
N GLU D 192 -3.19 7.29 -14.16
CA GLU D 192 -2.29 8.32 -13.65
C GLU D 192 -1.51 8.95 -14.79
N PHE D 193 -0.62 9.87 -14.44
CA PHE D 193 0.20 10.54 -15.43
C PHE D 193 1.16 9.54 -16.08
N SER D 194 1.29 9.65 -17.41
CA SER D 194 2.23 8.89 -18.23
C SER D 194 1.82 7.45 -18.45
N ARG D 195 0.65 7.03 -17.97
CA ARG D 195 0.16 5.67 -18.14
C ARG D 195 -0.99 5.68 -19.13
N THR D 196 -0.94 4.81 -20.13
CA THR D 196 -1.96 4.78 -21.17
C THR D 196 -2.71 3.46 -21.16
N ALA D 197 -3.99 3.52 -21.51
CA ALA D 197 -4.89 2.37 -21.41
C ALA D 197 -4.89 1.59 -22.71
N LYS D 198 -4.68 0.28 -22.62
CA LYS D 198 -4.77 -0.58 -23.79
C LYS D 198 -6.23 -0.83 -24.18
N LEU D 199 -7.14 -0.81 -23.21
CA LEU D 199 -8.56 -1.03 -23.44
C LEU D 199 -9.35 0.22 -23.07
N LYS D 200 -10.53 0.34 -23.67
CA LYS D 200 -11.45 1.42 -23.31
C LYS D 200 -12.33 1.07 -22.12
N LYS D 201 -12.65 -0.22 -21.95
CA LYS D 201 -13.42 -0.71 -20.82
C LYS D 201 -12.73 -1.93 -20.24
N VAL D 202 -13.03 -2.20 -18.97
CA VAL D 202 -12.35 -3.25 -18.21
C VAL D 202 -13.36 -4.32 -17.82
N GLN D 203 -12.87 -5.55 -17.67
CA GLN D 203 -13.70 -6.66 -17.23
C GLN D 203 -14.09 -6.46 -15.76
N THR D 204 -14.90 -7.39 -15.27
CA THR D 204 -15.36 -7.32 -13.89
C THR D 204 -14.20 -7.55 -12.93
N ILE D 205 -14.01 -6.61 -12.01
CA ILE D 205 -12.90 -6.66 -11.07
C ILE D 205 -13.36 -7.32 -9.79
N THR D 206 -12.60 -8.32 -9.34
CA THR D 206 -12.89 -9.08 -8.13
C THR D 206 -11.74 -8.92 -7.14
N THR D 207 -11.86 -9.61 -6.00
CA THR D 207 -10.81 -9.58 -5.00
C THR D 207 -9.53 -10.27 -5.46
N LYS D 208 -9.63 -11.19 -6.41
CA LYS D 208 -8.48 -11.93 -6.89
C LYS D 208 -7.72 -11.11 -7.93
N SER D 209 -6.42 -11.38 -8.05
CA SER D 209 -5.56 -10.57 -8.90
C SER D 209 -5.80 -10.83 -10.38
N ASN D 210 -6.12 -12.07 -10.76
CA ASN D 210 -6.29 -12.41 -12.16
C ASN D 210 -7.41 -11.63 -12.84
N SER D 211 -8.32 -11.05 -12.05
CA SER D 211 -9.36 -10.21 -12.63
C SER D 211 -8.79 -8.98 -13.32
N ILE D 212 -7.59 -8.55 -12.93
CA ILE D 212 -6.95 -7.41 -13.59
C ILE D 212 -6.44 -7.78 -14.97
N ARG D 213 -6.16 -9.06 -15.21
CA ARG D 213 -5.66 -9.53 -16.50
C ARG D 213 -6.85 -9.84 -17.39
N GLN D 214 -7.13 -8.94 -18.35
CA GLN D 214 -8.30 -9.07 -19.19
C GLN D 214 -8.04 -10.04 -20.35
N GLY D 215 -9.14 -10.59 -20.86
CA GLY D 215 -9.10 -11.43 -22.04
C GLY D 215 -8.71 -12.86 -21.75
N LYS D 216 -9.11 -13.75 -22.66
CA LYS D 216 -8.69 -15.15 -22.58
C LYS D 216 -7.19 -15.30 -22.73
N ASN D 217 -6.52 -14.30 -23.31
CA ASN D 217 -5.06 -14.28 -23.40
C ASN D 217 -4.42 -13.69 -22.15
N GLN D 218 -5.22 -13.23 -21.18
CA GLN D 218 -4.72 -12.62 -19.95
C GLN D 218 -3.80 -11.44 -20.25
N LEU D 219 -4.34 -10.48 -20.99
CA LEU D 219 -3.57 -9.32 -21.43
C LEU D 219 -3.65 -8.20 -20.40
N PHE D 220 -2.50 -7.59 -20.13
CA PHE D 220 -2.44 -6.46 -19.21
C PHE D 220 -3.22 -5.29 -19.79
N PRO D 221 -3.85 -4.47 -18.94
CA PRO D 221 -4.70 -3.39 -19.44
C PRO D 221 -4.04 -2.03 -19.60
N VAL D 222 -2.85 -1.82 -19.05
CA VAL D 222 -2.19 -0.52 -19.05
C VAL D 222 -0.75 -0.70 -19.52
N VAL D 223 -0.25 0.27 -20.28
CA VAL D 223 1.16 0.31 -20.63
C VAL D 223 1.75 1.61 -20.09
N MET D 224 3.05 1.55 -19.77
CA MET D 224 3.78 2.67 -19.19
C MET D 224 5.24 2.53 -19.60
N ASN D 225 5.81 3.60 -20.15
CA ASN D 225 7.21 3.65 -20.58
C ASN D 225 7.57 2.50 -21.51
N GLY D 226 6.56 1.88 -22.15
CA GLY D 226 6.76 0.79 -23.08
C GLY D 226 6.32 -0.56 -22.56
N LYS D 227 6.43 -0.78 -21.24
CA LYS D 227 6.14 -2.09 -20.67
C LYS D 227 4.72 -2.10 -20.06
N ASP D 228 4.10 -3.28 -20.09
CA ASP D 228 2.77 -3.44 -19.54
C ASP D 228 2.82 -3.47 -18.02
N ASP D 229 1.75 -3.00 -17.40
CA ASP D 229 1.65 -2.95 -15.95
C ASP D 229 0.21 -3.15 -15.55
N VAL D 230 0.00 -3.59 -14.31
CA VAL D 230 -1.33 -3.77 -13.76
C VAL D 230 -1.89 -2.43 -13.33
N LEU D 231 -3.17 -2.39 -12.97
CA LEU D 231 -3.79 -1.18 -12.49
C LEU D 231 -3.34 -0.87 -11.07
N TRP D 232 -3.16 0.42 -10.78
CA TRP D 232 -2.78 0.83 -9.44
C TRP D 232 -4.02 0.96 -8.54
N CYS D 233 -3.77 0.99 -7.24
CA CYS D 233 -4.87 1.05 -6.27
C CYS D 233 -5.68 2.33 -6.44
N THR D 234 -4.99 3.46 -6.68
CA THR D 234 -5.71 4.72 -6.90
C THR D 234 -6.56 4.64 -8.17
N GLU D 235 -6.05 3.97 -9.21
CA GLU D 235 -6.82 3.81 -10.44
C GLU D 235 -8.03 2.93 -10.21
N LEU D 236 -7.90 1.89 -9.37
CA LEU D 236 -9.06 1.09 -9.00
C LEU D 236 -10.09 1.91 -8.24
N GLU D 237 -9.62 2.76 -7.31
CA GLU D 237 -10.54 3.65 -6.60
C GLU D 237 -11.25 4.59 -7.56
N ARG D 238 -10.55 5.04 -8.61
CA ARG D 238 -11.19 5.88 -9.61
C ARG D 238 -12.21 5.08 -10.42
N ILE D 239 -11.91 3.82 -10.71
CA ILE D 239 -12.81 3.00 -11.54
C ILE D 239 -14.15 2.78 -10.82
N PHE D 240 -14.09 2.42 -9.55
CA PHE D 240 -15.29 2.16 -8.78
C PHE D 240 -16.03 3.43 -8.37
N GLY D 241 -15.46 4.60 -8.62
CA GLY D 241 -16.08 5.85 -8.24
C GLY D 241 -15.71 6.36 -6.86
N PHE D 242 -14.84 5.66 -6.15
CA PHE D 242 -14.42 6.12 -4.83
C PHE D 242 -13.48 7.31 -4.95
N PRO D 243 -13.43 8.17 -3.94
CA PRO D 243 -12.43 9.23 -3.92
C PRO D 243 -11.03 8.65 -3.92
N GLU D 244 -10.08 9.45 -4.38
CA GLU D 244 -8.70 9.00 -4.44
C GLU D 244 -8.16 8.77 -3.02
N HIS D 245 -7.46 7.65 -2.85
CA HIS D 245 -6.89 7.25 -1.57
C HIS D 245 -7.96 7.07 -0.50
N TYR D 246 -9.18 6.68 -0.92
CA TYR D 246 -10.24 6.38 0.03
C TYR D 246 -9.93 5.14 0.84
N THR D 247 -9.18 4.19 0.25
CA THR D 247 -8.82 2.95 0.91
C THR D 247 -7.35 2.92 1.33
N ASP D 248 -6.75 4.09 1.54
CA ASP D 248 -5.36 4.19 1.97
C ASP D 248 -5.29 4.34 3.49
N VAL D 249 -5.64 3.24 4.17
CA VAL D 249 -5.66 3.19 5.63
C VAL D 249 -5.05 1.87 6.08
N SER D 250 -4.77 1.81 7.40
CA SER D 250 -4.41 0.56 8.09
C SER D 250 -3.18 -0.12 7.49
N ASN D 251 -2.27 0.67 6.90
CA ASN D 251 -1.05 0.14 6.29
C ASN D 251 -1.36 -1.02 5.34
N MET D 252 -2.47 -0.90 4.63
CA MET D 252 -2.94 -1.99 3.79
C MET D 252 -2.10 -2.07 2.52
N GLY D 253 -1.61 -3.27 2.21
CA GLY D 253 -0.90 -3.50 0.98
C GLY D 253 -1.84 -3.46 -0.22
N ARG D 254 -1.31 -3.89 -1.36
CA ARG D 254 -2.10 -3.88 -2.59
C ARG D 254 -3.20 -4.92 -2.55
N GLY D 255 -2.88 -6.13 -2.07
CA GLY D 255 -3.87 -7.20 -2.06
C GLY D 255 -5.07 -6.89 -1.20
N ALA D 256 -4.84 -6.31 -0.02
CA ALA D 256 -5.96 -5.96 0.86
C ALA D 256 -6.85 -4.90 0.23
N ARG D 257 -6.24 -3.87 -0.37
CA ARG D 257 -7.01 -2.84 -1.05
C ARG D 257 -7.84 -3.43 -2.19
N GLN D 258 -7.22 -4.31 -2.98
CA GLN D 258 -7.94 -4.91 -4.10
C GLN D 258 -9.08 -5.79 -3.63
N LYS D 259 -8.86 -6.54 -2.55
CA LYS D 259 -9.94 -7.33 -1.96
C LYS D 259 -11.10 -6.42 -1.55
N LEU D 260 -10.80 -5.41 -0.75
CA LEU D 260 -11.82 -4.47 -0.27
C LEU D 260 -12.60 -3.86 -1.43
N LEU D 261 -11.90 -3.42 -2.47
CA LEU D 261 -12.58 -2.75 -3.59
C LEU D 261 -13.35 -3.74 -4.45
N GLY D 262 -12.85 -4.98 -4.59
CA GLY D 262 -13.56 -5.98 -5.37
C GLY D 262 -14.81 -6.49 -4.70
N ARG D 263 -14.91 -6.37 -3.38
CA ARG D 263 -16.16 -6.71 -2.71
C ARG D 263 -17.19 -5.59 -2.75
N SER D 264 -16.76 -4.34 -2.90
CA SER D 264 -17.63 -3.19 -2.71
C SER D 264 -18.53 -2.96 -3.92
N TRP D 265 -19.35 -1.92 -3.84
CA TRP D 265 -20.28 -1.53 -4.88
C TRP D 265 -19.61 -0.52 -5.83
N SER D 266 -20.37 -0.11 -6.85
CA SER D 266 -19.94 0.94 -7.77
C SER D 266 -20.57 2.25 -7.34
N VAL D 267 -19.73 3.23 -6.98
CA VAL D 267 -20.24 4.48 -6.41
C VAL D 267 -21.27 5.16 -7.29
N PRO D 268 -21.05 5.37 -8.60
CA PRO D 268 -22.08 6.06 -9.39
C PRO D 268 -23.39 5.29 -9.52
N VAL D 269 -23.33 3.96 -9.53
CA VAL D 269 -24.56 3.17 -9.57
C VAL D 269 -25.41 3.44 -8.33
N ILE D 270 -24.77 3.45 -7.16
CA ILE D 270 -25.52 3.66 -5.93
C ILE D 270 -25.92 5.12 -5.80
N ARG D 271 -25.17 6.04 -6.40
CA ARG D 271 -25.64 7.43 -6.47
C ARG D 271 -26.91 7.53 -7.32
N HIS D 272 -26.93 6.85 -8.47
CA HIS D 272 -28.14 6.78 -9.28
C HIS D 272 -29.31 6.21 -8.48
N LEU D 273 -29.06 5.15 -7.71
CA LEU D 273 -30.14 4.51 -6.97
C LEU D 273 -30.59 5.35 -5.77
N PHE D 274 -29.69 6.13 -5.17
CA PHE D 274 -30.00 6.88 -3.96
C PHE D 274 -30.46 8.30 -4.23
N ALA D 275 -30.30 8.79 -5.46
CA ALA D 275 -30.73 10.15 -5.79
C ALA D 275 -32.18 10.46 -5.41
N PRO D 276 -33.17 9.59 -5.64
CA PRO D 276 -34.56 9.97 -5.32
C PRO D 276 -34.81 10.28 -3.86
N LEU D 277 -33.99 9.75 -2.94
CA LEU D 277 -34.24 9.97 -1.51
C LEU D 277 -34.11 11.44 -1.11
N LYS D 278 -33.55 12.29 -1.97
CA LYS D 278 -33.46 13.72 -1.63
C LYS D 278 -34.83 14.38 -1.58
N ASP D 279 -35.83 13.82 -2.26
CA ASP D 279 -37.16 14.42 -2.27
C ASP D 279 -37.95 14.11 -1.00
N HIS D 280 -37.57 13.09 -0.24
CA HIS D 280 -38.27 12.73 0.98
C HIS D 280 -37.53 13.10 2.25
N PHE D 281 -36.21 13.25 2.20
CA PHE D 281 -35.41 13.50 3.38
C PHE D 281 -34.68 14.84 3.27
N ALA D 282 -34.24 15.34 4.42
CA ALA D 282 -33.68 16.68 4.49
C ALA D 282 -32.30 16.74 3.85
N CYS D 283 -32.12 17.69 2.94
CA CYS D 283 -30.84 17.93 2.30
C CYS D 283 -30.09 19.04 3.02
N GLU D 284 -28.76 19.01 2.90
CA GLU D 284 -27.90 19.95 3.60
C GLU D 284 -28.11 21.38 3.08
#